data_9MRO
#
_entry.id   9MRO
#
_cell.length_a   47.622
_cell.length_b   103.771
_cell.length_c   103.770
_cell.angle_alpha   60.23
_cell.angle_beta   78.53
_cell.angle_gamma   78.54
#
_symmetry.space_group_name_H-M   'P 1'
#
loop_
_entity.id
_entity.type
_entity.pdbx_description
1 polymer 'Diaminopimelate epimerase'
2 non-polymer '(2R,6S)-2,6-DIAMINO-2-METHYLHEPTANEDIOIC ACID'
3 water water
#
_entity_poly.entity_id   1
_entity_poly.type   'polypeptide(L)'
_entity_poly.pdbx_seq_one_letter_code
;MAIEFTKYHGLGNDFILIDNRASKTPAITPEKAVEMCDRHFGIGADGVIFALPGENGTDYTMRIFNSDGSEPEMCGNGIR
CLAAFLADLEGLSRNKDTYRIHTLAGVITPQLTPDGQIKVDMGLPRLLAGEIPTNIAAADQKVINQPLEVEGKTWEVTCV
SMGNPHCITFVEDVAAIPLETIGPKFEHHPAFPQRTNTEFIQVVSRDYLKMRVWERGAGITLACGTGACASLVAAVLTGR
SDRLATVELPGGPLEIEWSEVDQRIYMTGPADRVFTGKLHHHHHH
;
_entity_poly.pdbx_strand_id   A,B,C,D
#
loop_
_chem_comp.id
_chem_comp.type
_chem_comp.name
_chem_comp.formula
ZDR non-polymer '(2R,6S)-2,6-DIAMINO-2-METHYLHEPTANEDIOIC ACID' 'C8 H16 N2 O4'
#
# COMPACT_ATOMS: atom_id res chain seq x y z
N ALA A 2 32.88 -14.41 -14.93
CA ALA A 2 33.31 -15.10 -16.14
C ALA A 2 32.12 -15.69 -16.91
N ILE A 3 30.97 -15.77 -16.25
CA ILE A 3 29.77 -16.36 -16.82
C ILE A 3 29.24 -15.50 -17.96
N GLU A 4 29.12 -16.09 -19.15
CA GLU A 4 28.51 -15.44 -20.31
C GLU A 4 27.03 -15.77 -20.34
N PHE A 5 26.20 -14.77 -20.68
CA PHE A 5 24.75 -14.97 -20.70
C PHE A 5 24.09 -14.11 -21.78
N THR A 6 22.83 -14.41 -22.07
CA THR A 6 22.04 -13.57 -22.95
C THR A 6 20.75 -13.24 -22.21
N LYS A 7 20.38 -11.98 -22.22
CA LYS A 7 19.14 -11.53 -21.60
C LYS A 7 18.01 -11.62 -22.62
N TYR A 8 16.91 -12.27 -22.23
CA TYR A 8 15.69 -12.33 -23.02
C TYR A 8 14.51 -11.88 -22.16
N HIS A 9 13.41 -11.57 -22.81
CA HIS A 9 12.15 -11.49 -22.09
C HIS A 9 11.05 -11.99 -23.01
N GLY A 10 10.02 -12.56 -22.38
CA GLY A 10 8.81 -12.92 -23.07
C GLY A 10 7.70 -12.09 -22.44
N LEU A 11 7.24 -11.07 -23.17
CA LEU A 11 6.24 -10.12 -22.66
C LEU A 11 6.66 -9.48 -21.34
N GLY A 12 7.95 -9.19 -21.20
CA GLY A 12 8.50 -8.52 -20.04
C GLY A 12 8.77 -9.43 -18.85
N ASN A 13 8.47 -10.72 -18.99
CA ASN A 13 8.89 -11.74 -18.03
C ASN A 13 10.31 -12.06 -18.46
N ASP A 14 11.30 -11.55 -17.71
CA ASP A 14 12.65 -11.48 -18.24
C ASP A 14 13.59 -12.50 -17.59
N PHE A 15 14.54 -13.00 -18.39
CA PHE A 15 15.32 -14.18 -18.03
C PHE A 15 16.77 -14.01 -18.47
N ILE A 16 17.64 -14.59 -17.66
CA ILE A 16 19.05 -14.78 -17.99
C ILE A 16 19.17 -16.17 -18.62
N LEU A 17 19.61 -16.22 -19.87
CA LEU A 17 19.78 -17.49 -20.57
C LEU A 17 21.26 -17.89 -20.61
N ILE A 18 21.52 -19.15 -20.26
CA ILE A 18 22.87 -19.66 -20.12
C ILE A 18 23.02 -20.85 -21.05
N ASP A 19 24.03 -20.77 -21.95
CA ASP A 19 24.40 -21.91 -22.78
C ASP A 19 25.09 -22.93 -21.89
N ASN A 20 24.42 -24.04 -21.61
CA ASN A 20 24.90 -25.07 -20.68
C ASN A 20 25.02 -26.41 -21.40
N ARG A 21 25.32 -26.36 -22.70
CA ARG A 21 25.35 -27.59 -23.51
C ARG A 21 26.51 -28.51 -23.16
N ALA A 22 27.53 -28.01 -22.46
CA ALA A 22 28.71 -28.83 -22.16
C ALA A 22 28.51 -29.78 -21.00
N SER A 23 27.40 -29.67 -20.26
CA SER A 23 27.23 -30.54 -19.10
C SER A 23 25.77 -30.56 -18.71
N LYS A 24 25.32 -31.70 -18.17
CA LYS A 24 23.98 -31.76 -17.58
C LYS A 24 23.90 -31.06 -16.23
N THR A 25 25.03 -30.71 -15.63
CA THR A 25 25.05 -29.97 -14.37
C THR A 25 24.93 -28.47 -14.65
N PRO A 26 23.86 -27.81 -14.20
CA PRO A 26 23.80 -26.34 -14.36
C PRO A 26 25.06 -25.68 -13.83
N ALA A 27 25.52 -24.66 -14.58
CA ALA A 27 26.80 -24.01 -14.30
C ALA A 27 26.76 -23.05 -13.14
N ILE A 28 25.58 -22.72 -12.61
CA ILE A 28 25.50 -21.90 -11.41
C ILE A 28 24.57 -22.60 -10.43
N THR A 29 24.80 -22.33 -9.14
CA THR A 29 23.97 -22.81 -8.07
C THR A 29 22.72 -21.96 -7.94
N PRO A 30 21.69 -22.50 -7.29
CA PRO A 30 20.54 -21.63 -6.96
C PRO A 30 20.93 -20.36 -6.23
N GLU A 31 21.87 -20.46 -5.28
CA GLU A 31 22.29 -19.28 -4.54
C GLU A 31 22.90 -18.23 -5.46
N LYS A 32 23.72 -18.67 -6.41
CA LYS A 32 24.29 -17.73 -7.37
C LYS A 32 23.22 -17.15 -8.27
N ALA A 33 22.21 -17.95 -8.63
CA ALA A 33 21.12 -17.45 -9.45
C ALA A 33 20.38 -16.34 -8.74
N VAL A 34 20.21 -16.46 -7.41
CA VAL A 34 19.53 -15.42 -6.65
C VAL A 34 20.32 -14.13 -6.75
N GLU A 35 21.66 -14.22 -6.61
CA GLU A 35 22.50 -13.03 -6.74
C GLU A 35 22.37 -12.43 -8.14
N MET A 36 22.37 -13.30 -9.16
CA MET A 36 22.34 -12.86 -10.56
C MET A 36 21.02 -12.19 -10.88
N CYS A 37 19.92 -12.68 -10.31
CA CYS A 37 18.60 -12.11 -10.57
C CYS A 37 18.32 -10.82 -9.79
N ASP A 38 19.11 -10.50 -8.78
CA ASP A 38 18.93 -9.26 -8.06
C ASP A 38 19.03 -8.06 -9.00
N ARG A 39 18.00 -7.23 -9.01
CA ARG A 39 17.93 -6.22 -10.06
C ARG A 39 18.90 -5.06 -9.84
N HIS A 40 19.35 -4.83 -8.61
CA HIS A 40 20.29 -3.74 -8.34
C HIS A 40 21.74 -4.19 -8.23
N PHE A 41 21.97 -5.34 -7.59
CA PHE A 41 23.30 -5.85 -7.35
C PHE A 41 23.76 -6.86 -8.38
N GLY A 42 22.84 -7.42 -9.16
CA GLY A 42 23.19 -8.37 -10.18
C GLY A 42 22.80 -7.96 -11.58
N ILE A 43 22.40 -8.94 -12.40
CA ILE A 43 21.93 -8.66 -13.75
C ILE A 43 20.49 -8.17 -13.74
N GLY A 44 19.65 -8.83 -12.94
CA GLY A 44 18.24 -8.53 -12.81
C GLY A 44 17.42 -9.38 -13.74
N ALA A 45 16.55 -10.22 -13.17
CA ALA A 45 15.72 -11.15 -13.93
C ALA A 45 14.69 -11.79 -13.03
N ASP A 46 13.64 -12.33 -13.66
CA ASP A 46 12.71 -13.19 -12.96
C ASP A 46 13.23 -14.61 -12.82
N GLY A 47 14.27 -14.99 -13.59
CA GLY A 47 14.82 -16.32 -13.46
C GLY A 47 16.06 -16.50 -14.31
N VAL A 48 16.72 -17.63 -14.08
CA VAL A 48 17.84 -18.10 -14.89
C VAL A 48 17.38 -19.38 -15.59
N ILE A 49 17.59 -19.45 -16.91
CA ILE A 49 17.21 -20.61 -17.69
C ILE A 49 18.48 -21.21 -18.30
N PHE A 50 18.65 -22.51 -18.11
CA PHE A 50 19.79 -23.24 -18.66
C PHE A 50 19.37 -24.02 -19.89
N ALA A 51 20.15 -23.86 -20.98
CA ALA A 51 20.05 -24.67 -22.20
C ALA A 51 20.98 -25.86 -22.01
N LEU A 52 20.41 -27.01 -21.72
CA LEU A 52 21.12 -28.20 -21.28
C LEU A 52 21.05 -29.28 -22.35
N PRO A 53 21.92 -30.29 -22.27
CA PRO A 53 21.86 -31.41 -23.23
C PRO A 53 20.51 -32.11 -23.19
N GLY A 54 20.06 -32.55 -24.36
CA GLY A 54 18.91 -33.43 -24.47
C GLY A 54 18.97 -34.68 -23.60
N GLU A 55 17.79 -35.21 -23.28
CA GLU A 55 17.63 -36.46 -22.54
C GLU A 55 16.88 -37.45 -23.42
N ASN A 56 17.60 -38.45 -23.93
CA ASN A 56 17.02 -39.54 -24.71
C ASN A 56 16.48 -39.05 -26.05
N GLY A 57 15.15 -38.90 -26.17
CA GLY A 57 14.54 -38.44 -27.40
C GLY A 57 14.07 -37.00 -27.36
N THR A 58 14.92 -36.12 -26.80
CA THR A 58 14.69 -34.69 -26.80
C THR A 58 15.91 -34.00 -27.37
N ASP A 59 15.68 -32.83 -27.97
CA ASP A 59 16.77 -32.07 -28.57
C ASP A 59 17.64 -31.41 -27.52
N TYR A 60 17.00 -30.81 -26.51
CA TYR A 60 17.67 -30.12 -25.42
C TYR A 60 16.81 -30.33 -24.18
N THR A 61 17.37 -29.91 -23.06
CA THR A 61 16.67 -29.87 -21.77
C THR A 61 16.65 -28.44 -21.26
N MET A 62 15.57 -28.07 -20.57
CA MET A 62 15.50 -26.78 -19.92
C MET A 62 15.36 -27.02 -18.43
N ARG A 63 16.19 -26.35 -17.65
CA ARG A 63 15.95 -26.13 -16.24
C ARG A 63 15.93 -24.64 -15.96
N ILE A 64 15.13 -24.25 -14.99
CA ILE A 64 14.94 -22.83 -14.69
C ILE A 64 15.02 -22.70 -13.18
N PHE A 65 15.70 -21.66 -12.72
CA PHE A 65 15.64 -21.26 -11.33
C PHE A 65 14.86 -19.95 -11.26
N ASN A 66 13.87 -19.89 -10.38
CA ASN A 66 13.20 -18.63 -10.09
C ASN A 66 14.21 -17.65 -9.47
N SER A 67 13.82 -16.38 -9.42
CA SER A 67 14.68 -15.38 -8.78
C SER A 67 14.84 -15.61 -7.28
N ASP A 68 13.98 -16.40 -6.62
CA ASP A 68 14.23 -16.79 -5.23
C ASP A 68 15.07 -18.05 -5.10
N GLY A 69 15.56 -18.57 -6.21
CA GLY A 69 16.44 -19.72 -6.24
C GLY A 69 15.72 -21.03 -6.31
N SER A 70 14.41 -21.05 -6.09
CA SER A 70 13.67 -22.29 -6.19
C SER A 70 13.57 -22.74 -7.64
N GLU A 71 13.34 -24.03 -7.81
CA GLU A 71 13.33 -24.59 -9.16
C GLU A 71 11.94 -25.09 -9.49
N PRO A 72 11.20 -24.36 -10.33
CA PRO A 72 9.91 -24.85 -10.82
C PRO A 72 10.07 -25.84 -11.96
N GLU A 73 8.95 -26.48 -12.29
CA GLU A 73 8.93 -27.62 -13.19
C GLU A 73 8.73 -27.22 -14.65
N MET A 74 8.25 -26.00 -14.90
CA MET A 74 8.05 -25.51 -16.26
C MET A 74 7.91 -23.99 -16.24
N CYS A 75 8.02 -23.43 -17.44
CA CYS A 75 7.92 -22.00 -17.61
C CYS A 75 7.63 -21.75 -19.08
N GLY A 76 6.45 -21.18 -19.36
CA GLY A 76 6.06 -20.97 -20.73
C GLY A 76 6.80 -19.83 -21.41
N ASN A 77 6.87 -18.67 -20.75
CA ASN A 77 7.63 -17.56 -21.35
C ASN A 77 9.09 -17.99 -21.50
N GLY A 78 9.59 -18.77 -20.55
CA GLY A 78 10.99 -19.19 -20.61
C GLY A 78 11.24 -20.16 -21.73
N ILE A 79 10.30 -21.07 -21.98
CA ILE A 79 10.44 -21.99 -23.12
C ILE A 79 10.51 -21.22 -24.44
N ARG A 80 9.69 -20.17 -24.60
CA ARG A 80 9.75 -19.35 -25.80
C ARG A 80 11.11 -18.68 -25.91
N CYS A 81 11.64 -18.17 -24.78
CA CYS A 81 12.94 -17.51 -24.83
C CYS A 81 14.02 -18.53 -25.16
N LEU A 82 13.93 -19.72 -24.58
CA LEU A 82 14.92 -20.76 -24.83
C LEU A 82 14.88 -21.21 -26.28
N ALA A 83 13.66 -21.36 -26.83
CA ALA A 83 13.55 -21.72 -28.24
C ALA A 83 14.27 -20.71 -29.12
N ALA A 84 14.08 -19.42 -28.85
CA ALA A 84 14.76 -18.38 -29.61
C ALA A 84 16.28 -18.46 -29.40
N PHE A 85 16.70 -18.67 -28.16
CA PHE A 85 18.13 -18.81 -27.82
C PHE A 85 18.75 -19.99 -28.53
N LEU A 86 18.05 -21.13 -28.52
CA LEU A 86 18.60 -22.32 -29.19
C LEU A 86 18.75 -22.07 -30.68
N ALA A 87 17.75 -21.42 -31.28
CA ALA A 87 17.85 -21.08 -32.70
C ALA A 87 19.03 -20.17 -32.97
N ASP A 88 19.31 -19.23 -32.07
CA ASP A 88 20.48 -18.38 -32.21
C ASP A 88 21.78 -19.18 -32.04
N LEU A 89 21.81 -20.10 -31.08
CA LEU A 89 23.00 -20.93 -30.88
C LEU A 89 23.27 -21.81 -32.09
N GLU A 90 22.21 -22.38 -32.68
CA GLU A 90 22.36 -23.28 -33.80
C GLU A 90 22.66 -22.53 -35.10
N GLY A 91 22.17 -21.29 -35.23
CA GLY A 91 22.44 -20.49 -36.41
C GLY A 91 21.98 -21.18 -37.67
N LEU A 92 22.88 -21.22 -38.68
CA LEU A 92 22.53 -21.86 -39.92
C LEU A 92 22.66 -23.37 -39.86
N SER A 93 23.14 -23.93 -38.75
CA SER A 93 23.09 -25.38 -38.55
C SER A 93 21.69 -25.86 -38.20
N ARG A 94 20.76 -24.96 -37.86
CA ARG A 94 19.40 -25.37 -37.55
C ARG A 94 18.73 -25.94 -38.79
N ASN A 95 18.05 -27.07 -38.64
CA ASN A 95 17.43 -27.74 -39.77
C ASN A 95 15.98 -28.09 -39.52
N LYS A 96 15.32 -27.40 -38.60
CA LYS A 96 13.92 -27.65 -38.27
C LYS A 96 13.36 -26.42 -37.57
N ASP A 97 12.04 -26.37 -37.48
CA ASP A 97 11.34 -25.25 -36.88
C ASP A 97 10.80 -25.58 -35.49
N THR A 98 11.06 -26.78 -34.98
CA THR A 98 10.57 -27.19 -33.67
C THR A 98 11.69 -27.80 -32.86
N TYR A 99 11.56 -27.73 -31.54
CA TYR A 99 12.46 -28.39 -30.62
C TYR A 99 11.62 -29.24 -29.68
N ARG A 100 12.07 -30.45 -29.39
CA ARG A 100 11.53 -31.23 -28.30
C ARG A 100 12.40 -30.98 -27.08
N ILE A 101 11.82 -30.39 -26.05
CA ILE A 101 12.58 -29.94 -24.90
C ILE A 101 12.17 -30.75 -23.68
N HIS A 102 13.13 -31.37 -23.03
CA HIS A 102 12.87 -32.05 -21.78
C HIS A 102 12.77 -31.03 -20.66
N THR A 103 11.71 -31.13 -19.86
CA THR A 103 11.59 -30.35 -18.64
C THR A 103 11.21 -31.28 -17.51
N LEU A 104 11.31 -30.76 -16.29
CA LEU A 104 10.86 -31.52 -15.14
C LEU A 104 9.39 -31.94 -15.26
N ALA A 105 8.56 -31.12 -15.92
CA ALA A 105 7.16 -31.45 -16.09
C ALA A 105 6.88 -32.44 -17.22
N GLY A 106 7.84 -32.72 -18.09
CA GLY A 106 7.63 -33.55 -19.25
C GLY A 106 8.15 -32.88 -20.50
N VAL A 107 7.91 -33.51 -21.65
CA VAL A 107 8.41 -32.99 -22.93
C VAL A 107 7.51 -31.85 -23.41
N ILE A 108 8.14 -30.75 -23.79
CA ILE A 108 7.49 -29.53 -24.23
C ILE A 108 8.05 -29.21 -25.62
N THR A 109 7.17 -28.88 -26.55
CA THR A 109 7.57 -28.67 -27.95
C THR A 109 7.24 -27.26 -28.44
N PRO A 110 8.18 -26.34 -28.39
CA PRO A 110 7.98 -25.05 -29.05
C PRO A 110 8.24 -25.15 -30.53
N GLN A 111 7.51 -24.32 -31.28
CA GLN A 111 7.60 -24.22 -32.74
C GLN A 111 7.85 -22.77 -33.11
N LEU A 112 8.92 -22.54 -33.86
CA LEU A 112 9.19 -21.21 -34.38
C LEU A 112 8.29 -20.98 -35.59
N THR A 113 7.51 -19.96 -35.53
CA THR A 113 6.54 -19.75 -36.60
C THR A 113 7.07 -18.74 -37.59
N PRO A 114 6.48 -18.67 -38.77
CA PRO A 114 7.04 -17.78 -39.81
C PRO A 114 7.01 -16.31 -39.40
N ASP A 115 5.98 -15.86 -38.70
CA ASP A 115 5.88 -14.45 -38.34
C ASP A 115 6.78 -14.07 -37.16
N GLY A 116 7.58 -15.00 -36.64
CA GLY A 116 8.50 -14.70 -35.56
C GLY A 116 8.00 -15.02 -34.17
N GLN A 117 6.76 -15.45 -34.04
CA GLN A 117 6.23 -15.89 -32.76
C GLN A 117 6.71 -17.32 -32.47
N ILE A 118 6.43 -17.79 -31.26
CA ILE A 118 6.73 -19.16 -30.90
C ILE A 118 5.46 -19.76 -30.36
N LYS A 119 5.02 -20.87 -30.95
CA LYS A 119 3.82 -21.58 -30.53
C LYS A 119 4.23 -22.84 -29.80
N VAL A 120 3.71 -23.06 -28.59
CA VAL A 120 4.23 -24.10 -27.72
C VAL A 120 3.13 -25.10 -27.36
N ASP A 121 3.41 -26.37 -27.59
CA ASP A 121 2.64 -27.50 -27.09
C ASP A 121 3.00 -27.65 -25.62
N MET A 122 2.14 -27.14 -24.75
CA MET A 122 2.38 -27.13 -23.33
C MET A 122 1.90 -28.39 -22.62
N GLY A 123 1.27 -29.30 -23.35
CA GLY A 123 0.84 -30.57 -22.78
C GLY A 123 -0.57 -30.51 -22.24
N LEU A 124 -0.98 -31.62 -21.61
CA LEU A 124 -2.30 -31.68 -21.00
C LEU A 124 -2.34 -30.87 -19.71
N PRO A 125 -3.41 -30.13 -19.47
CA PRO A 125 -3.56 -29.51 -18.13
C PRO A 125 -3.86 -30.57 -17.10
N ARG A 126 -3.40 -30.34 -15.88
CA ARG A 126 -3.58 -31.28 -14.79
C ARG A 126 -4.61 -30.70 -13.83
N LEU A 127 -5.71 -31.43 -13.62
CA LEU A 127 -6.85 -30.86 -12.95
C LEU A 127 -7.16 -31.40 -11.57
N LEU A 128 -6.53 -32.49 -11.16
CA LEU A 128 -6.85 -33.05 -9.86
C LEU A 128 -6.04 -32.38 -8.76
N ALA A 129 -6.64 -32.28 -7.57
CA ALA A 129 -6.01 -31.58 -6.46
C ALA A 129 -4.65 -32.15 -6.13
N GLY A 130 -4.50 -33.48 -6.16
CA GLY A 130 -3.22 -34.08 -5.85
C GLY A 130 -2.14 -33.72 -6.83
N GLU A 131 -2.53 -33.27 -8.03
CA GLU A 131 -1.60 -32.91 -9.09
C GLU A 131 -1.17 -31.45 -9.05
N ILE A 132 -1.82 -30.63 -8.22
CA ILE A 132 -1.57 -29.20 -8.21
C ILE A 132 -0.22 -28.93 -7.56
N PRO A 133 0.05 -29.35 -6.32
CA PRO A 133 -0.83 -29.99 -5.33
C PRO A 133 -1.56 -28.97 -4.47
N THR A 134 -2.77 -29.32 -4.01
CA THR A 134 -3.50 -28.53 -3.04
C THR A 134 -4.34 -29.44 -2.16
N ASN A 135 -4.58 -28.99 -0.93
CA ASN A 135 -5.43 -29.68 0.03
C ASN A 135 -6.85 -29.12 0.07
N ILE A 136 -7.23 -28.27 -0.89
CA ILE A 136 -8.58 -27.73 -0.92
C ILE A 136 -9.60 -28.85 -1.13
N ALA A 137 -9.25 -29.84 -1.91
CA ALA A 137 -10.11 -30.98 -2.16
C ALA A 137 -9.31 -32.26 -2.00
N ALA A 138 -10.04 -33.38 -2.06
CA ALA A 138 -9.39 -34.69 -2.05
C ALA A 138 -8.52 -34.87 -3.28
N ALA A 139 -7.48 -35.69 -3.14
CA ALA A 139 -6.44 -35.80 -4.16
C ALA A 139 -7.01 -36.11 -5.54
N ASP A 140 -8.06 -36.93 -5.60
CA ASP A 140 -8.63 -37.39 -6.86
C ASP A 140 -9.81 -36.52 -7.31
N GLN A 141 -10.01 -35.36 -6.68
CA GLN A 141 -11.06 -34.42 -7.04
C GLN A 141 -10.50 -33.20 -7.76
N LYS A 142 -11.29 -32.66 -8.67
CA LYS A 142 -10.99 -31.36 -9.27
C LYS A 142 -11.22 -30.25 -8.26
N VAL A 143 -10.76 -29.05 -8.61
CA VAL A 143 -10.82 -27.88 -7.72
C VAL A 143 -11.37 -26.72 -8.54
N ILE A 144 -12.69 -26.60 -8.59
CA ILE A 144 -13.39 -25.65 -9.45
C ILE A 144 -14.32 -24.78 -8.62
N ASN A 145 -14.09 -23.45 -8.64
CA ASN A 145 -14.89 -22.51 -7.87
C ASN A 145 -15.02 -22.95 -6.41
N GLN A 146 -13.92 -23.23 -5.81
CA GLN A 146 -13.87 -23.68 -4.41
C GLN A 146 -13.44 -22.56 -3.46
N PRO A 147 -13.80 -22.64 -2.18
CA PRO A 147 -13.47 -21.56 -1.26
C PRO A 147 -12.03 -21.59 -0.80
N LEU A 148 -11.44 -20.41 -0.71
CA LEU A 148 -10.12 -20.25 -0.10
C LEU A 148 -10.15 -19.00 0.76
N GLU A 149 -10.05 -19.18 2.07
CA GLU A 149 -10.02 -18.08 3.01
C GLU A 149 -8.62 -17.51 3.07
N VAL A 150 -8.48 -16.23 2.73
CA VAL A 150 -7.19 -15.57 2.68
C VAL A 150 -7.32 -14.29 3.49
N GLU A 151 -6.69 -14.25 4.66
CA GLU A 151 -6.74 -13.08 5.51
C GLU A 151 -8.18 -12.75 5.93
N GLY A 152 -8.99 -13.78 6.12
CA GLY A 152 -10.36 -13.57 6.56
C GLY A 152 -11.36 -13.19 5.47
N LYS A 153 -10.93 -13.03 4.22
CA LYS A 153 -11.85 -12.91 3.09
C LYS A 153 -11.85 -14.22 2.32
N THR A 154 -13.04 -14.70 1.96
CA THR A 154 -13.17 -15.97 1.26
C THR A 154 -13.17 -15.72 -0.24
N TRP A 155 -12.20 -16.31 -0.93
CA TRP A 155 -12.10 -16.18 -2.37
C TRP A 155 -12.60 -17.45 -3.05
N GLU A 156 -13.21 -17.27 -4.19
CA GLU A 156 -13.57 -18.40 -5.05
C GLU A 156 -12.40 -18.67 -5.99
N VAL A 157 -11.89 -19.88 -5.93
CA VAL A 157 -10.68 -20.23 -6.68
C VAL A 157 -10.85 -21.53 -7.46
N THR A 158 -10.05 -21.64 -8.53
CA THR A 158 -9.94 -22.84 -9.34
C THR A 158 -8.46 -23.13 -9.49
N CYS A 159 -8.09 -24.39 -9.36
CA CYS A 159 -6.67 -24.76 -9.41
C CYS A 159 -6.41 -25.66 -10.60
N VAL A 160 -5.29 -25.38 -11.29
CA VAL A 160 -4.86 -26.08 -12.49
C VAL A 160 -3.36 -26.15 -12.42
N SER A 161 -2.80 -27.29 -12.83
CA SER A 161 -1.36 -27.42 -12.95
C SER A 161 -0.98 -27.57 -14.42
N MET A 162 0.06 -26.85 -14.82
CA MET A 162 0.70 -27.00 -16.12
C MET A 162 2.09 -27.59 -15.94
N GLY A 163 2.23 -28.48 -14.98
CA GLY A 163 3.52 -28.89 -14.48
C GLY A 163 3.92 -28.15 -13.24
N ASN A 164 3.38 -26.94 -13.04
CA ASN A 164 3.52 -26.12 -11.86
C ASN A 164 2.15 -25.70 -11.37
N PRO A 165 2.04 -25.31 -10.10
CA PRO A 165 0.70 -25.04 -9.53
C PRO A 165 0.17 -23.64 -9.83
N HIS A 166 -1.14 -23.57 -10.07
CA HIS A 166 -1.82 -22.30 -10.29
C HIS A 166 -3.13 -22.28 -9.53
N CYS A 167 -3.41 -21.11 -9.00
CA CYS A 167 -4.62 -20.81 -8.24
C CYS A 167 -5.23 -19.59 -8.92
N ILE A 168 -6.40 -19.77 -9.54
CA ILE A 168 -7.00 -18.73 -10.38
C ILE A 168 -8.30 -18.26 -9.72
N THR A 169 -8.48 -16.94 -9.67
CA THR A 169 -9.68 -16.33 -9.12
C THR A 169 -10.17 -15.26 -10.08
N PHE A 170 -11.48 -15.24 -10.31
CA PHE A 170 -12.08 -14.33 -11.28
C PHE A 170 -12.62 -13.10 -10.56
N VAL A 171 -12.27 -11.93 -11.08
CA VAL A 171 -12.54 -10.64 -10.47
C VAL A 171 -13.17 -9.65 -11.43
N GLU A 172 -13.82 -8.63 -10.85
CA GLU A 172 -14.49 -7.65 -11.68
C GLU A 172 -13.54 -6.59 -12.21
N ASP A 173 -12.48 -6.25 -11.47
CA ASP A 173 -11.56 -5.16 -11.85
C ASP A 173 -10.17 -5.58 -11.43
N VAL A 174 -9.43 -6.19 -12.37
CA VAL A 174 -8.14 -6.78 -12.01
C VAL A 174 -7.12 -5.71 -11.68
N ALA A 175 -7.23 -4.53 -12.32
CA ALA A 175 -6.29 -3.45 -12.05
C ALA A 175 -6.38 -3.00 -10.60
N ALA A 176 -7.55 -3.19 -9.97
CA ALA A 176 -7.81 -2.76 -8.60
C ALA A 176 -7.31 -3.76 -7.55
N ILE A 177 -6.86 -4.94 -7.95
CA ILE A 177 -6.40 -5.92 -6.97
C ILE A 177 -5.14 -5.40 -6.29
N PRO A 178 -5.07 -5.38 -4.95
CA PRO A 178 -3.87 -4.95 -4.20
C PRO A 178 -2.83 -6.09 -4.19
N LEU A 179 -2.20 -6.26 -5.35
CA LEU A 179 -1.49 -7.50 -5.65
C LEU A 179 -0.27 -7.69 -4.76
N GLU A 180 0.43 -6.59 -4.44
CA GLU A 180 1.62 -6.64 -3.59
C GLU A 180 1.31 -7.15 -2.20
N THR A 181 0.12 -6.84 -1.72
CA THR A 181 -0.32 -7.23 -0.39
C THR A 181 -0.90 -8.64 -0.40
N ILE A 182 -1.85 -8.93 -1.29
CA ILE A 182 -2.58 -10.18 -1.20
C ILE A 182 -1.83 -11.31 -1.89
N GLY A 183 -0.99 -11.01 -2.89
CA GLY A 183 -0.27 -12.04 -3.62
C GLY A 183 0.45 -13.05 -2.74
N PRO A 184 1.33 -12.57 -1.86
CA PRO A 184 2.11 -13.49 -1.02
C PRO A 184 1.23 -14.31 -0.08
N LYS A 185 0.06 -13.80 0.24
CA LYS A 185 -0.82 -14.53 1.13
C LYS A 185 -1.44 -15.73 0.42
N PHE A 186 -1.66 -15.62 -0.90
CA PHE A 186 -2.03 -16.79 -1.68
C PHE A 186 -0.86 -17.74 -1.85
N GLU A 187 0.30 -17.18 -2.21
CA GLU A 187 1.46 -17.99 -2.57
C GLU A 187 1.80 -18.97 -1.46
N HIS A 188 1.77 -18.48 -0.22
CA HIS A 188 2.21 -19.23 0.94
C HIS A 188 1.04 -19.79 1.73
N HIS A 189 -0.16 -19.80 1.16
CA HIS A 189 -1.29 -20.30 1.89
C HIS A 189 -1.08 -21.76 2.27
N PRO A 190 -1.43 -22.17 3.50
CA PRO A 190 -1.24 -23.58 3.90
C PRO A 190 -1.88 -24.58 2.96
N ALA A 191 -2.92 -24.16 2.20
CA ALA A 191 -3.61 -25.06 1.31
C ALA A 191 -2.73 -25.55 0.16
N PHE A 192 -1.57 -24.95 -0.01
CA PHE A 192 -0.65 -25.26 -1.10
C PHE A 192 0.69 -25.77 -0.58
N PRO A 193 0.88 -27.09 -0.49
CA PRO A 193 2.09 -27.63 0.13
C PRO A 193 3.39 -27.22 -0.55
N GLN A 194 3.36 -26.96 -1.85
CA GLN A 194 4.55 -26.54 -2.59
C GLN A 194 4.44 -25.10 -3.04
N ARG A 195 3.63 -24.30 -2.35
CA ARG A 195 3.27 -22.94 -2.73
C ARG A 195 2.46 -22.94 -4.03
N THR A 196 2.03 -21.77 -4.47
CA THR A 196 1.31 -21.70 -5.74
C THR A 196 1.63 -20.38 -6.43
N ASN A 197 1.48 -20.39 -7.76
CA ASN A 197 1.27 -19.16 -8.51
C ASN A 197 -0.20 -18.77 -8.42
N THR A 198 -0.47 -17.46 -8.46
CA THR A 198 -1.83 -16.95 -8.28
C THR A 198 -2.16 -15.96 -9.37
N GLU A 199 -3.27 -16.23 -10.05
CA GLU A 199 -3.72 -15.42 -11.17
C GLU A 199 -5.07 -14.82 -10.83
N PHE A 200 -5.16 -13.51 -11.01
CA PHE A 200 -6.41 -12.76 -10.91
C PHE A 200 -6.86 -12.45 -12.32
N ILE A 201 -8.08 -12.87 -12.66
CA ILE A 201 -8.56 -12.82 -14.04
C ILE A 201 -9.82 -11.99 -14.13
N GLN A 202 -9.82 -11.04 -15.06
CA GLN A 202 -11.00 -10.27 -15.43
C GLN A 202 -11.45 -10.73 -16.81
N VAL A 203 -12.66 -11.29 -16.88
CA VAL A 203 -13.19 -11.75 -18.16
C VAL A 203 -13.76 -10.55 -18.89
N VAL A 204 -13.14 -10.18 -20.00
CA VAL A 204 -13.67 -9.11 -20.83
C VAL A 204 -14.71 -9.64 -21.80
N SER A 205 -14.42 -10.78 -22.40
CA SER A 205 -15.34 -11.48 -23.26
C SER A 205 -14.98 -12.96 -23.19
N ARG A 206 -15.77 -13.78 -23.89
CA ARG A 206 -15.50 -15.21 -23.88
C ARG A 206 -14.22 -15.59 -24.63
N ASP A 207 -13.59 -14.67 -25.36
CA ASP A 207 -12.32 -14.95 -26.00
C ASP A 207 -11.24 -13.97 -25.57
N TYR A 208 -11.42 -13.28 -24.44
CA TYR A 208 -10.47 -12.26 -24.01
C TYR A 208 -10.46 -12.14 -22.49
N LEU A 209 -9.33 -12.49 -21.89
CA LEU A 209 -9.11 -12.48 -20.46
C LEU A 209 -7.97 -11.52 -20.14
N LYS A 210 -8.15 -10.71 -19.10
CA LYS A 210 -7.10 -9.87 -18.56
C LYS A 210 -6.54 -10.53 -17.30
N MET A 211 -5.23 -10.63 -17.21
CA MET A 211 -4.62 -11.37 -16.12
C MET A 211 -3.55 -10.57 -15.43
N ARG A 212 -3.53 -10.68 -14.11
CA ARG A 212 -2.39 -10.24 -13.31
C ARG A 212 -1.94 -11.43 -12.48
N VAL A 213 -0.65 -11.51 -12.18
CA VAL A 213 -0.13 -12.69 -11.52
C VAL A 213 0.82 -12.30 -10.39
N TRP A 214 0.71 -13.02 -9.28
CA TRP A 214 1.74 -13.07 -8.24
C TRP A 214 2.36 -14.46 -8.35
N GLU A 215 3.63 -14.52 -8.78
CA GLU A 215 4.25 -15.80 -9.04
C GLU A 215 4.93 -16.37 -7.81
N ARG A 216 4.80 -17.67 -7.65
CA ARG A 216 5.67 -18.42 -6.77
C ARG A 216 7.12 -18.09 -7.10
N GLY A 217 7.88 -17.69 -6.09
CA GLY A 217 9.31 -17.51 -6.26
C GLY A 217 9.77 -16.31 -7.06
N ALA A 218 8.87 -15.53 -7.65
CA ALA A 218 9.23 -14.36 -8.42
C ALA A 218 8.41 -13.11 -8.14
N GLY A 219 7.25 -13.21 -7.49
CA GLY A 219 6.47 -12.04 -7.15
C GLY A 219 5.69 -11.50 -8.33
N ILE A 220 5.55 -10.18 -8.39
CA ILE A 220 4.81 -9.56 -9.49
C ILE A 220 5.68 -9.58 -10.75
N THR A 221 5.19 -10.23 -11.77
CA THR A 221 5.81 -10.27 -13.07
C THR A 221 4.83 -9.71 -14.09
N LEU A 222 5.40 -9.33 -15.24
CA LEU A 222 4.61 -8.73 -16.31
C LEU A 222 3.91 -9.77 -17.17
N ALA A 223 4.21 -11.06 -16.99
CA ALA A 223 3.60 -12.08 -17.83
C ALA A 223 3.93 -13.44 -17.27
N CYS A 224 3.02 -14.40 -17.50
CA CYS A 224 3.34 -15.78 -17.15
C CYS A 224 2.59 -16.70 -18.10
N GLY A 225 3.38 -17.48 -18.87
CA GLY A 225 2.78 -18.35 -19.87
C GLY A 225 2.03 -19.54 -19.27
N THR A 226 2.66 -20.25 -18.32
CA THR A 226 1.93 -21.33 -17.66
C THR A 226 0.69 -20.76 -16.98
N GLY A 227 0.80 -19.55 -16.40
CA GLY A 227 -0.34 -18.97 -15.70
C GLY A 227 -1.47 -18.57 -16.64
N ALA A 228 -1.13 -18.08 -17.83
CA ALA A 228 -2.16 -17.78 -18.82
C ALA A 228 -2.84 -19.05 -19.29
N CYS A 229 -2.07 -20.12 -19.50
CA CYS A 229 -2.64 -21.42 -19.87
C CYS A 229 -3.60 -21.89 -18.80
N ALA A 230 -3.14 -21.88 -17.55
CA ALA A 230 -3.95 -22.38 -16.47
C ALA A 230 -5.21 -21.56 -16.30
N SER A 231 -5.11 -20.24 -16.53
CA SER A 231 -6.24 -19.35 -16.37
C SER A 231 -7.29 -19.60 -17.44
N LEU A 232 -6.85 -19.83 -18.67
CA LEU A 232 -7.77 -20.20 -19.74
C LEU A 232 -8.47 -21.51 -19.40
N VAL A 233 -7.72 -22.52 -18.97
CA VAL A 233 -8.32 -23.78 -18.56
C VAL A 233 -9.38 -23.52 -17.48
N ALA A 234 -9.02 -22.73 -16.45
CA ALA A 234 -9.97 -22.40 -15.37
C ALA A 234 -11.20 -21.68 -15.91
N ALA A 235 -11.02 -20.79 -16.89
CA ALA A 235 -12.17 -20.07 -17.45
C ALA A 235 -13.08 -21.03 -18.21
N VAL A 236 -12.52 -22.04 -18.88
CA VAL A 236 -13.36 -23.04 -19.55
C VAL A 236 -14.06 -23.91 -18.51
N LEU A 237 -13.31 -24.38 -17.52
CA LEU A 237 -13.88 -25.28 -16.51
C LEU A 237 -15.05 -24.63 -15.79
N THR A 238 -15.04 -23.31 -15.64
CA THR A 238 -16.07 -22.59 -14.90
C THR A 238 -17.11 -21.99 -15.85
N GLY A 239 -17.02 -22.31 -17.15
CA GLY A 239 -17.99 -21.87 -18.14
C GLY A 239 -17.92 -20.41 -18.50
N ARG A 240 -16.82 -19.74 -18.17
CA ARG A 240 -16.70 -18.31 -18.36
C ARG A 240 -16.09 -17.92 -19.70
N SER A 241 -15.38 -18.84 -20.34
CA SER A 241 -14.73 -18.52 -21.61
C SER A 241 -14.74 -19.73 -22.53
N ASP A 242 -14.51 -19.44 -23.82
CA ASP A 242 -14.26 -20.46 -24.82
C ASP A 242 -12.85 -21.00 -24.68
N ARG A 243 -12.55 -22.06 -25.45
CA ARG A 243 -11.25 -22.70 -25.39
C ARG A 243 -10.16 -21.99 -26.19
N LEU A 244 -10.49 -20.94 -26.92
CA LEU A 244 -9.52 -20.13 -27.63
C LEU A 244 -9.69 -18.70 -27.15
N ALA A 245 -8.62 -18.10 -26.62
CA ALA A 245 -8.72 -16.78 -26.07
C ALA A 245 -7.38 -16.06 -26.10
N THR A 246 -7.44 -14.75 -26.20
CA THR A 246 -6.32 -13.89 -25.88
C THR A 246 -6.24 -13.73 -24.37
N VAL A 247 -5.06 -13.87 -23.80
CA VAL A 247 -4.84 -13.49 -22.41
C VAL A 247 -3.93 -12.27 -22.43
N GLU A 248 -4.51 -11.15 -22.01
CA GLU A 248 -3.82 -9.87 -21.92
C GLU A 248 -3.10 -9.80 -20.59
N LEU A 249 -1.79 -9.73 -20.64
CA LEU A 249 -0.95 -9.57 -19.47
C LEU A 249 -0.39 -8.17 -19.44
N PRO A 250 0.16 -7.74 -18.30
CA PRO A 250 0.73 -6.39 -18.24
C PRO A 250 1.75 -6.14 -19.34
N GLY A 251 2.54 -7.16 -19.69
CA GLY A 251 3.53 -7.02 -20.74
C GLY A 251 3.06 -7.23 -22.16
N GLY A 252 1.81 -7.61 -22.36
CA GLY A 252 1.27 -7.89 -23.67
C GLY A 252 0.45 -9.17 -23.73
N PRO A 253 0.01 -9.51 -24.93
CA PRO A 253 -0.91 -10.64 -25.08
C PRO A 253 -0.26 -11.96 -25.44
N LEU A 254 -0.87 -13.04 -24.92
CA LEU A 254 -0.63 -14.40 -25.35
C LEU A 254 -1.90 -14.95 -25.96
N GLU A 255 -1.74 -15.82 -26.95
CA GLU A 255 -2.84 -16.56 -27.57
C GLU A 255 -2.84 -17.98 -27.01
N ILE A 256 -3.93 -18.34 -26.31
CA ILE A 256 -4.03 -19.63 -25.65
C ILE A 256 -5.15 -20.46 -26.28
N GLU A 257 -4.87 -21.74 -26.52
CA GLU A 257 -5.84 -22.65 -27.09
C GLU A 257 -5.84 -23.95 -26.30
N TRP A 258 -7.00 -24.32 -25.75
CA TRP A 258 -7.21 -25.67 -25.22
C TRP A 258 -7.75 -26.51 -26.36
N SER A 259 -6.89 -27.27 -27.01
CA SER A 259 -7.25 -27.92 -28.27
C SER A 259 -8.32 -28.97 -28.07
N GLU A 260 -9.32 -28.96 -28.94
CA GLU A 260 -10.31 -30.04 -28.94
C GLU A 260 -9.80 -31.27 -29.68
N VAL A 261 -8.74 -31.14 -30.46
CA VAL A 261 -8.18 -32.29 -31.17
C VAL A 261 -7.50 -33.24 -30.19
N ASP A 262 -6.62 -32.70 -29.34
CA ASP A 262 -5.80 -33.52 -28.46
C ASP A 262 -5.90 -33.14 -26.98
N GLN A 263 -6.72 -32.15 -26.63
CA GLN A 263 -6.93 -31.73 -25.25
C GLN A 263 -5.69 -31.13 -24.61
N ARG A 264 -4.67 -30.83 -25.40
CA ARG A 264 -3.48 -30.18 -24.90
C ARG A 264 -3.64 -28.67 -25.00
N ILE A 265 -2.81 -27.94 -24.26
CA ILE A 265 -2.81 -26.49 -24.28
C ILE A 265 -1.70 -26.01 -25.21
N TYR A 266 -2.06 -25.12 -26.13
CA TYR A 266 -1.11 -24.44 -27.02
C TYR A 266 -1.06 -22.96 -26.63
N MET A 267 0.17 -22.45 -26.50
CA MET A 267 0.45 -21.08 -26.11
C MET A 267 1.34 -20.43 -27.15
N THR A 268 0.89 -19.31 -27.72
CA THR A 268 1.66 -18.57 -28.72
C THR A 268 2.00 -17.18 -28.23
N GLY A 269 3.26 -16.79 -28.35
CA GLY A 269 3.68 -15.46 -27.98
C GLY A 269 5.08 -15.17 -28.47
N PRO A 270 5.57 -13.96 -28.14
CA PRO A 270 6.89 -13.54 -28.58
C PRO A 270 8.03 -13.90 -27.63
N ALA A 271 9.26 -13.67 -28.13
CA ALA A 271 10.45 -13.81 -27.30
C ALA A 271 11.46 -12.83 -27.86
N ASP A 272 12.00 -11.97 -27.01
CA ASP A 272 12.88 -10.90 -27.48
C ASP A 272 14.25 -11.01 -26.82
N ARG A 273 15.29 -10.96 -27.65
CA ARG A 273 16.67 -10.89 -27.17
C ARG A 273 17.00 -9.44 -26.88
N VAL A 274 17.51 -9.18 -25.68
CA VAL A 274 17.75 -7.82 -25.24
C VAL A 274 19.22 -7.43 -25.31
N PHE A 275 20.09 -8.24 -24.73
CA PHE A 275 21.52 -7.93 -24.72
C PHE A 275 22.27 -9.20 -24.34
N THR A 276 23.55 -9.24 -24.71
CA THR A 276 24.48 -10.29 -24.30
C THR A 276 25.46 -9.69 -23.30
N GLY A 277 25.91 -10.52 -22.37
CA GLY A 277 26.75 -9.98 -21.32
C GLY A 277 27.70 -11.02 -20.74
N LYS A 278 28.59 -10.53 -19.89
CA LYS A 278 29.54 -11.37 -19.18
C LYS A 278 29.74 -10.82 -17.78
N LEU A 279 29.57 -11.68 -16.77
CA LEU A 279 29.78 -11.26 -15.39
C LEU A 279 31.23 -10.85 -15.15
N HIS A 280 31.41 -9.88 -14.27
CA HIS A 280 32.76 -9.41 -13.96
C HIS A 280 33.53 -10.42 -13.11
N ALA B 2 -21.50 -42.78 49.86
CA ALA B 2 -22.63 -41.92 50.14
C ALA B 2 -22.85 -40.86 49.06
N ILE B 3 -21.93 -40.78 48.11
CA ILE B 3 -22.02 -39.78 47.05
C ILE B 3 -23.08 -40.23 46.04
N GLU B 4 -24.03 -39.35 45.77
CA GLU B 4 -25.07 -39.61 44.77
C GLU B 4 -24.64 -38.97 43.46
N PHE B 5 -24.91 -39.65 42.35
CA PHE B 5 -24.49 -39.18 41.04
C PHE B 5 -25.44 -39.67 39.98
N THR B 6 -25.31 -39.09 38.78
CA THR B 6 -26.02 -39.53 37.59
C THR B 6 -25.00 -39.77 36.50
N LYS B 7 -25.11 -40.91 35.83
CA LYS B 7 -24.22 -41.23 34.72
C LYS B 7 -24.81 -40.68 33.43
N TYR B 8 -23.98 -39.98 32.65
CA TYR B 8 -24.35 -39.42 31.38
C TYR B 8 -23.27 -39.82 30.39
N HIS B 9 -23.58 -39.73 29.10
CA HIS B 9 -22.54 -39.74 28.07
C HIS B 9 -22.97 -38.81 26.94
N GLY B 10 -21.96 -38.18 26.32
CA GLY B 10 -22.13 -37.42 25.11
C GLY B 10 -21.37 -38.16 24.03
N LEU B 11 -22.10 -38.89 23.17
CA LEU B 11 -21.50 -39.71 22.12
C LEU B 11 -20.51 -40.73 22.69
N GLY B 12 -20.82 -41.29 23.87
CA GLY B 12 -19.99 -42.31 24.48
C GLY B 12 -18.80 -41.81 25.29
N ASN B 13 -18.57 -40.50 25.28
CA ASN B 13 -17.63 -39.81 26.20
C ASN B 13 -18.45 -39.69 27.48
N ASP B 14 -18.15 -40.55 28.45
CA ASP B 14 -19.08 -40.77 29.56
C ASP B 14 -18.57 -40.13 30.86
N PHE B 15 -19.52 -39.68 31.68
CA PHE B 15 -19.22 -38.82 32.80
C PHE B 15 -20.09 -39.15 34.00
N ILE B 16 -19.51 -38.95 35.16
CA ILE B 16 -20.22 -38.97 36.44
C ILE B 16 -20.59 -37.53 36.75
N LEU B 17 -21.89 -37.23 36.83
CA LEU B 17 -22.36 -35.88 37.14
C LEU B 17 -22.79 -35.82 38.60
N ILE B 18 -22.34 -34.79 39.29
CA ILE B 18 -22.62 -34.60 40.71
C ILE B 18 -23.35 -33.28 40.87
N ASP B 19 -24.51 -33.33 41.52
CA ASP B 19 -25.22 -32.13 41.95
C ASP B 19 -24.44 -31.50 43.10
N ASN B 20 -23.75 -30.40 42.83
CA ASN B 20 -22.86 -29.73 43.77
C ASN B 20 -23.37 -28.32 44.08
N ARG B 21 -24.68 -28.10 43.97
CA ARG B 21 -25.21 -26.76 44.08
C ARG B 21 -25.21 -26.24 45.52
N ALA B 22 -25.06 -27.15 46.50
CA ALA B 22 -25.06 -26.77 47.91
C ALA B 22 -23.78 -26.08 48.35
N SER B 23 -22.69 -26.17 47.57
CA SER B 23 -21.41 -25.61 48.01
C SER B 23 -20.53 -25.34 46.79
N LYS B 24 -19.68 -24.33 46.89
CA LYS B 24 -18.65 -24.11 45.87
C LYS B 24 -17.47 -25.07 46.02
N THR B 25 -17.41 -25.82 47.11
CA THR B 25 -16.37 -26.83 47.27
C THR B 25 -16.79 -28.12 46.58
N PRO B 26 -15.99 -28.68 45.67
CA PRO B 26 -16.40 -29.93 45.03
C PRO B 26 -16.54 -31.04 46.05
N ALA B 27 -17.55 -31.89 45.82
CA ALA B 27 -17.90 -32.92 46.78
C ALA B 27 -16.85 -34.01 46.90
N ILE B 28 -15.91 -34.10 45.97
CA ILE B 28 -14.87 -35.11 46.02
C ILE B 28 -13.55 -34.49 45.62
N THR B 29 -12.47 -35.14 46.02
CA THR B 29 -11.12 -34.74 45.63
C THR B 29 -10.77 -35.31 44.27
N PRO B 30 -9.74 -34.75 43.64
CA PRO B 30 -9.22 -35.41 42.42
C PRO B 30 -8.81 -36.84 42.68
N GLU B 31 -8.23 -37.16 43.84
CA GLU B 31 -7.83 -38.53 44.10
C GLU B 31 -9.05 -39.45 44.12
N LYS B 32 -10.15 -38.99 44.70
CA LYS B 32 -11.36 -39.81 44.75
C LYS B 32 -11.97 -39.92 43.36
N ALA B 33 -11.83 -38.88 42.55
CA ALA B 33 -12.33 -38.92 41.19
C ALA B 33 -11.63 -40.02 40.40
N VAL B 34 -10.31 -40.16 40.58
CA VAL B 34 -9.58 -41.23 39.92
C VAL B 34 -10.18 -42.58 40.31
N GLU B 35 -10.47 -42.76 41.61
CA GLU B 35 -11.04 -44.02 42.07
C GLU B 35 -12.41 -44.26 41.47
N MET B 36 -13.27 -43.22 41.44
CA MET B 36 -14.61 -43.34 40.90
C MET B 36 -14.62 -43.58 39.40
N CYS B 37 -13.63 -43.05 38.67
CA CYS B 37 -13.59 -43.22 37.22
C CYS B 37 -13.03 -44.57 36.80
N ASP B 38 -12.38 -45.30 37.72
CA ASP B 38 -11.84 -46.62 37.43
C ASP B 38 -12.97 -47.53 36.95
N ARG B 39 -12.83 -48.10 35.77
CA ARG B 39 -13.96 -48.80 35.19
C ARG B 39 -14.24 -50.14 35.84
N HIS B 40 -13.26 -50.75 36.51
CA HIS B 40 -13.49 -52.03 37.15
C HIS B 40 -13.74 -51.93 38.65
N PHE B 41 -13.03 -51.03 39.32
CA PHE B 41 -13.12 -50.90 40.76
C PHE B 41 -14.05 -49.77 41.19
N GLY B 42 -14.42 -48.88 40.28
CA GLY B 42 -15.27 -47.74 40.58
C GLY B 42 -16.54 -47.76 39.77
N ILE B 43 -17.06 -46.56 39.49
CA ILE B 43 -18.23 -46.39 38.62
C ILE B 43 -17.85 -46.61 37.16
N GLY B 44 -16.72 -46.01 36.74
CA GLY B 44 -16.26 -46.01 35.37
C GLY B 44 -16.71 -44.78 34.61
N ALA B 45 -15.75 -43.97 34.17
CA ALA B 45 -16.03 -42.75 33.44
C ALA B 45 -14.75 -42.15 32.88
N ASP B 46 -14.94 -41.29 31.89
CA ASP B 46 -13.86 -40.44 31.41
C ASP B 46 -13.63 -39.22 32.31
N GLY B 47 -14.59 -38.89 33.17
CA GLY B 47 -14.42 -37.71 34.01
C GLY B 47 -15.57 -37.58 34.99
N VAL B 48 -15.34 -36.71 35.96
CA VAL B 48 -16.36 -36.32 36.94
C VAL B 48 -16.65 -34.85 36.70
N ILE B 49 -17.93 -34.51 36.58
CA ILE B 49 -18.36 -33.15 36.31
C ILE B 49 -19.22 -32.69 37.48
N PHE B 50 -18.89 -31.51 38.01
CA PHE B 50 -19.61 -30.92 39.13
C PHE B 50 -20.53 -29.79 38.65
N ALA B 51 -21.82 -29.87 39.00
CA ALA B 51 -22.76 -28.78 38.80
C ALA B 51 -22.66 -27.89 40.03
N LEU B 52 -22.02 -26.73 39.87
CA LEU B 52 -21.63 -25.87 40.98
C LEU B 52 -22.40 -24.55 40.95
N PRO B 53 -22.39 -23.80 42.06
CA PRO B 53 -23.05 -22.50 42.05
C PRO B 53 -22.44 -21.55 41.03
N GLY B 54 -23.32 -20.71 40.47
CA GLY B 54 -22.88 -19.69 39.56
C GLY B 54 -21.88 -18.72 40.17
N GLU B 55 -21.17 -18.03 39.28
CA GLU B 55 -20.17 -17.02 39.67
C GLU B 55 -20.54 -15.71 38.96
N ASN B 56 -21.23 -14.84 39.68
CA ASN B 56 -21.56 -13.48 39.23
C ASN B 56 -21.85 -13.36 37.74
N GLY B 57 -23.12 -13.36 37.36
CA GLY B 57 -23.49 -13.25 35.97
C GLY B 57 -23.56 -14.58 35.22
N THR B 58 -23.46 -15.69 35.93
CA THR B 58 -23.64 -17.01 35.34
C THR B 58 -24.67 -17.77 36.16
N ASP B 59 -25.38 -18.68 35.49
CA ASP B 59 -26.39 -19.49 36.15
C ASP B 59 -25.76 -20.57 37.02
N TYR B 60 -24.71 -21.21 36.52
CA TYR B 60 -24.03 -22.27 37.24
C TYR B 60 -22.56 -22.22 36.84
N THR B 61 -21.76 -23.02 37.52
CA THR B 61 -20.35 -23.23 37.20
C THR B 61 -20.13 -24.70 36.92
N MET B 62 -19.23 -24.99 35.99
CA MET B 62 -18.79 -26.35 35.71
C MET B 62 -17.33 -26.49 36.09
N ARG B 63 -17.02 -27.48 36.91
CA ARG B 63 -15.66 -27.99 37.03
C ARG B 63 -15.65 -29.46 36.65
N ILE B 64 -14.53 -29.88 36.06
CA ILE B 64 -14.39 -31.26 35.60
C ILE B 64 -13.04 -31.80 36.03
N PHE B 65 -13.03 -33.03 36.52
CA PHE B 65 -11.80 -33.78 36.71
C PHE B 65 -11.75 -34.87 35.65
N ASN B 66 -10.63 -34.95 34.94
CA ASN B 66 -10.38 -36.08 34.07
C ASN B 66 -10.26 -37.36 34.90
N SER B 67 -10.32 -38.50 34.22
CA SER B 67 -10.16 -39.77 34.92
C SER B 67 -8.76 -39.95 35.49
N ASP B 68 -7.76 -39.16 35.07
CA ASP B 68 -6.47 -39.20 35.75
C ASP B 68 -6.39 -38.21 36.92
N GLY B 69 -7.49 -37.53 37.24
CA GLY B 69 -7.54 -36.60 38.35
C GLY B 69 -7.16 -35.19 38.00
N SER B 70 -6.57 -34.96 36.82
CA SER B 70 -6.24 -33.60 36.41
C SER B 70 -7.48 -32.80 36.08
N GLU B 71 -7.38 -31.48 36.23
CA GLU B 71 -8.53 -30.63 36.01
C GLU B 71 -8.34 -29.81 34.73
N PRO B 72 -8.99 -30.18 33.64
CA PRO B 72 -8.94 -29.38 32.40
C PRO B 72 -9.87 -28.18 32.49
N GLU B 73 -9.72 -27.30 31.49
CA GLU B 73 -10.37 -25.99 31.52
C GLU B 73 -11.76 -25.99 30.92
N MET B 74 -12.08 -26.98 30.10
CA MET B 74 -13.37 -27.07 29.44
C MET B 74 -13.58 -28.48 28.93
N CYS B 75 -14.83 -28.76 28.59
CA CYS B 75 -15.22 -30.05 28.06
C CYS B 75 -16.57 -29.88 27.36
N GLY B 76 -16.59 -30.12 26.05
CA GLY B 76 -17.77 -29.92 25.25
C GLY B 76 -18.82 -30.97 25.43
N ASN B 77 -18.45 -32.25 25.36
CA ASN B 77 -19.42 -33.30 25.66
C ASN B 77 -19.94 -33.12 27.09
N GLY B 78 -19.07 -32.72 28.01
CA GLY B 78 -19.50 -32.58 29.39
C GLY B 78 -20.44 -31.42 29.62
N ILE B 79 -20.23 -30.30 28.89
CA ILE B 79 -21.16 -29.17 29.01
C ILE B 79 -22.55 -29.58 28.54
N ARG B 80 -22.63 -30.37 27.47
CA ARG B 80 -23.92 -30.83 26.98
C ARG B 80 -24.59 -31.71 28.02
N CYS B 81 -23.83 -32.64 28.61
CA CYS B 81 -24.39 -33.47 29.67
C CYS B 81 -24.81 -32.62 30.86
N LEU B 82 -24.02 -31.62 31.22
CA LEU B 82 -24.33 -30.77 32.36
C LEU B 82 -25.61 -29.97 32.11
N ALA B 83 -25.78 -29.46 30.89
CA ALA B 83 -27.00 -28.71 30.57
C ALA B 83 -28.23 -29.59 30.73
N ALA B 84 -28.17 -30.83 30.20
CA ALA B 84 -29.25 -31.79 30.39
C ALA B 84 -29.51 -32.06 31.87
N PHE B 85 -28.43 -32.23 32.62
CA PHE B 85 -28.52 -32.50 34.07
C PHE B 85 -29.18 -31.33 34.79
N LEU B 86 -28.76 -30.11 34.45
CA LEU B 86 -29.30 -28.93 35.12
C LEU B 86 -30.78 -28.78 34.81
N ALA B 87 -31.16 -29.04 33.56
CA ALA B 87 -32.57 -28.99 33.21
C ALA B 87 -33.39 -29.99 34.03
N ASP B 88 -32.83 -31.18 34.27
CA ASP B 88 -33.55 -32.15 35.10
C ASP B 88 -33.61 -31.69 36.55
N LEU B 89 -32.51 -31.14 37.07
CA LEU B 89 -32.51 -30.65 38.44
C LEU B 89 -33.50 -29.50 38.61
N GLU B 90 -33.58 -28.61 37.62
CA GLU B 90 -34.48 -27.47 37.71
C GLU B 90 -35.93 -27.90 37.49
N GLY B 91 -36.17 -28.88 36.62
CA GLY B 91 -37.53 -29.39 36.45
C GLY B 91 -38.46 -28.31 35.92
N LEU B 92 -39.68 -28.29 36.48
CA LEU B 92 -40.65 -27.31 36.01
C LEU B 92 -40.27 -25.88 36.38
N SER B 93 -39.34 -25.70 37.31
CA SER B 93 -38.84 -24.36 37.65
C SER B 93 -37.96 -23.75 36.56
N ARG B 94 -37.51 -24.55 35.60
CA ARG B 94 -36.71 -23.99 34.51
C ARG B 94 -37.54 -23.00 33.68
N ASN B 95 -36.97 -21.82 33.43
CA ASN B 95 -37.67 -20.74 32.75
C ASN B 95 -36.89 -20.21 31.54
N LYS B 96 -36.02 -21.03 30.96
CA LYS B 96 -35.23 -20.62 29.80
C LYS B 96 -34.65 -21.86 29.16
N ASP B 97 -34.16 -21.68 27.92
CA ASP B 97 -33.59 -22.77 27.15
C ASP B 97 -32.06 -22.71 27.10
N THR B 98 -31.45 -21.71 27.73
CA THR B 98 -30.00 -21.57 27.70
C THR B 98 -29.52 -21.43 29.14
N TYR B 99 -28.29 -21.86 29.37
CA TYR B 99 -27.60 -21.60 30.62
C TYR B 99 -26.30 -20.89 30.27
N ARG B 100 -25.96 -19.86 31.04
CA ARG B 100 -24.62 -19.30 31.06
C ARG B 100 -23.82 -20.04 32.13
N ILE B 101 -22.74 -20.70 31.71
CA ILE B 101 -21.97 -21.57 32.59
C ILE B 101 -20.55 -21.03 32.71
N HIS B 102 -20.12 -20.78 33.95
CA HIS B 102 -18.77 -20.37 34.22
C HIS B 102 -17.86 -21.59 34.16
N THR B 103 -16.79 -21.50 33.40
CA THR B 103 -15.77 -22.53 33.38
C THR B 103 -14.41 -21.85 33.52
N LEU B 104 -13.40 -22.68 33.78
CA LEU B 104 -12.02 -22.18 33.82
C LEU B 104 -11.65 -21.48 32.52
N ALA B 105 -12.23 -21.91 31.40
CA ALA B 105 -11.91 -21.34 30.10
C ALA B 105 -12.65 -20.03 29.83
N GLY B 106 -13.70 -19.72 30.58
CA GLY B 106 -14.58 -18.63 30.27
C GLY B 106 -16.03 -19.06 30.33
N VAL B 107 -16.91 -18.12 29.98
CA VAL B 107 -18.34 -18.40 30.00
C VAL B 107 -18.72 -19.18 28.75
N ILE B 108 -19.44 -20.28 28.94
CA ILE B 108 -19.88 -21.17 27.89
C ILE B 108 -21.39 -21.23 27.98
N THR B 109 -22.07 -21.18 26.83
CA THR B 109 -23.53 -21.09 26.83
C THR B 109 -24.18 -22.22 26.04
N PRO B 110 -24.57 -23.30 26.71
CA PRO B 110 -25.38 -24.32 26.04
C PRO B 110 -26.83 -23.89 25.90
N GLN B 111 -27.42 -24.31 24.78
CA GLN B 111 -28.83 -24.09 24.48
C GLN B 111 -29.51 -25.43 24.25
N LEU B 112 -30.61 -25.66 24.96
CA LEU B 112 -31.43 -26.83 24.77
C LEU B 112 -32.33 -26.60 23.56
N THR B 113 -32.16 -27.39 22.53
CA THR B 113 -32.87 -27.16 21.27
C THR B 113 -34.12 -28.02 21.21
N PRO B 114 -35.07 -27.68 20.33
CA PRO B 114 -36.36 -28.38 20.34
C PRO B 114 -36.24 -29.86 20.05
N ASP B 115 -35.26 -30.28 19.26
CA ASP B 115 -35.14 -31.67 18.81
C ASP B 115 -34.38 -32.56 19.80
N GLY B 116 -34.05 -32.05 20.98
CA GLY B 116 -33.41 -32.86 22.00
C GLY B 116 -31.91 -32.70 22.07
N GLN B 117 -31.30 -32.05 21.10
CA GLN B 117 -29.87 -31.81 21.11
C GLN B 117 -29.53 -30.59 21.97
N ILE B 118 -28.23 -30.36 22.14
CA ILE B 118 -27.72 -29.19 22.82
C ILE B 118 -26.71 -28.52 21.92
N LYS B 119 -26.94 -27.24 21.64
CA LYS B 119 -26.07 -26.41 20.80
C LYS B 119 -25.31 -25.48 21.73
N VAL B 120 -23.98 -25.50 21.65
CA VAL B 120 -23.17 -24.80 22.62
C VAL B 120 -22.35 -23.70 21.94
N ASP B 121 -22.39 -22.51 22.50
CA ASP B 121 -21.47 -21.43 22.19
C ASP B 121 -20.16 -21.71 22.91
N MET B 122 -19.17 -22.23 22.19
CA MET B 122 -17.91 -22.63 22.80
C MET B 122 -16.87 -21.53 22.80
N GLY B 123 -17.19 -20.37 22.28
CA GLY B 123 -16.32 -19.23 22.37
C GLY B 123 -15.40 -19.13 21.17
N LEU B 124 -14.49 -18.15 21.25
CA LEU B 124 -13.48 -17.97 20.21
C LEU B 124 -12.40 -19.02 20.32
N PRO B 125 -11.97 -19.59 19.19
CA PRO B 125 -10.78 -20.45 19.21
C PRO B 125 -9.55 -19.61 19.47
N ARG B 126 -8.58 -20.21 20.14
CA ARG B 126 -7.33 -19.55 20.49
C ARG B 126 -6.24 -20.16 19.62
N LEU B 127 -5.56 -19.31 18.86
CA LEU B 127 -4.71 -19.78 17.77
C LEU B 127 -3.22 -19.56 18.00
N LEU B 128 -2.85 -18.74 18.97
CA LEU B 128 -1.43 -18.44 19.16
C LEU B 128 -0.77 -19.52 20.01
N ALA B 129 0.52 -19.76 19.73
CA ALA B 129 1.25 -20.83 20.41
C ALA B 129 1.23 -20.64 21.92
N GLY B 130 1.41 -19.40 22.39
CA GLY B 130 1.37 -19.13 23.81
C GLY B 130 0.04 -19.46 24.46
N GLU B 131 -1.03 -19.52 23.66
CA GLU B 131 -2.35 -19.81 24.20
C GLU B 131 -2.67 -21.30 24.23
N ILE B 132 -1.86 -22.14 23.62
CA ILE B 132 -2.17 -23.56 23.50
C ILE B 132 -2.03 -24.27 24.85
N PRO B 133 -0.86 -24.21 25.54
CA PRO B 133 0.44 -23.64 25.14
C PRO B 133 1.28 -24.68 24.44
N THR B 134 2.15 -24.23 23.53
CA THR B 134 3.13 -25.08 22.89
C THR B 134 4.37 -24.28 22.55
N ASN B 135 5.50 -24.98 22.49
CA ASN B 135 6.78 -24.38 22.14
C ASN B 135 7.15 -24.60 20.68
N ILE B 136 6.23 -25.12 19.87
CA ILE B 136 6.51 -25.34 18.46
C ILE B 136 6.81 -24.04 17.74
N ALA B 137 6.16 -22.96 18.14
CA ALA B 137 6.37 -21.64 17.54
C ALA B 137 6.51 -20.61 18.64
N ALA B 138 6.91 -19.39 18.25
CA ALA B 138 6.93 -18.29 19.19
C ALA B 138 5.54 -18.03 19.75
N ALA B 139 5.50 -17.52 20.99
CA ALA B 139 4.24 -17.40 21.71
C ALA B 139 3.18 -16.63 20.94
N ASP B 140 3.60 -15.65 20.12
CA ASP B 140 2.69 -14.77 19.43
C ASP B 140 2.42 -15.22 18.00
N GLN B 141 2.83 -16.44 17.64
CA GLN B 141 2.63 -16.97 16.30
C GLN B 141 1.60 -18.09 16.31
N LYS B 142 0.90 -18.24 15.18
CA LYS B 142 0.06 -19.41 15.01
C LYS B 142 0.90 -20.67 14.75
N VAL B 143 0.22 -21.82 14.82
CA VAL B 143 0.86 -23.12 14.66
C VAL B 143 0.04 -23.89 13.63
N ILE B 144 0.36 -23.72 12.36
CA ILE B 144 -0.41 -24.27 11.24
C ILE B 144 0.49 -25.13 10.37
N ASN B 145 0.16 -26.41 10.26
CA ASN B 145 0.93 -27.36 9.44
C ASN B 145 2.42 -27.29 9.77
N GLN B 146 2.73 -27.35 11.05
CA GLN B 146 4.10 -27.26 11.55
C GLN B 146 4.62 -28.65 11.91
N PRO B 147 5.93 -28.84 11.93
CA PRO B 147 6.47 -30.17 12.19
C PRO B 147 6.52 -30.50 13.68
N LEU B 148 6.25 -31.77 13.97
CA LEU B 148 6.40 -32.33 15.31
C LEU B 148 6.96 -33.73 15.17
N GLU B 149 8.19 -33.95 15.66
CA GLU B 149 8.83 -35.25 15.60
C GLU B 149 8.35 -36.08 16.77
N VAL B 150 7.78 -37.24 16.48
CA VAL B 150 7.24 -38.12 17.51
C VAL B 150 7.81 -39.50 17.25
N GLU B 151 8.82 -39.88 18.02
CA GLU B 151 9.46 -41.19 17.88
C GLU B 151 10.08 -41.33 16.49
N GLY B 152 10.88 -40.33 16.12
CA GLY B 152 11.57 -40.34 14.84
C GLY B 152 10.75 -40.00 13.63
N LYS B 153 9.43 -40.15 13.68
CA LYS B 153 8.56 -39.78 12.55
C LYS B 153 8.12 -38.33 12.73
N THR B 154 8.21 -37.57 11.64
CA THR B 154 7.81 -36.16 11.67
C THR B 154 6.36 -36.06 11.23
N TRP B 155 5.52 -35.50 12.10
CA TRP B 155 4.12 -35.27 11.80
C TRP B 155 3.87 -33.80 11.49
N GLU B 156 2.94 -33.56 10.57
CA GLU B 156 2.46 -32.20 10.33
C GLU B 156 1.29 -31.93 11.27
N VAL B 157 1.41 -30.90 12.11
CA VAL B 157 0.40 -30.61 13.12
C VAL B 157 -0.04 -29.15 13.10
N THR B 158 -1.29 -28.94 13.51
CA THR B 158 -1.87 -27.63 13.73
C THR B 158 -2.39 -27.61 15.15
N CYS B 159 -2.11 -26.54 15.90
CA CYS B 159 -2.57 -26.46 17.28
C CYS B 159 -3.63 -25.38 17.43
N VAL B 160 -4.68 -25.70 18.21
CA VAL B 160 -5.78 -24.81 18.53
C VAL B 160 -6.16 -25.06 19.98
N SER B 161 -6.51 -24.01 20.70
CA SER B 161 -7.04 -24.14 22.05
C SER B 161 -8.49 -23.73 22.06
N MET B 162 -9.34 -24.55 22.71
CA MET B 162 -10.71 -24.20 23.04
C MET B 162 -10.86 -23.96 24.54
N GLY B 163 -9.81 -23.37 25.12
CA GLY B 163 -9.66 -23.31 26.54
C GLY B 163 -8.73 -24.39 27.05
N ASN B 164 -8.68 -25.52 26.34
CA ASN B 164 -7.75 -26.60 26.54
C ASN B 164 -6.95 -26.86 25.26
N PRO B 165 -5.79 -27.50 25.38
CA PRO B 165 -4.91 -27.66 24.21
C PRO B 165 -5.27 -28.80 23.29
N HIS B 166 -5.12 -28.55 21.98
CA HIS B 166 -5.32 -29.56 20.95
C HIS B 166 -4.21 -29.49 19.91
N CYS B 167 -3.85 -30.66 19.46
CA CYS B 167 -2.84 -30.88 18.44
C CYS B 167 -3.51 -31.78 17.40
N ILE B 168 -3.65 -31.26 16.19
CA ILE B 168 -4.46 -31.89 15.16
C ILE B 168 -3.55 -32.27 14.00
N THR B 169 -3.67 -33.49 13.54
CA THR B 169 -2.91 -33.95 12.38
C THR B 169 -3.85 -34.64 11.39
N PHE B 170 -3.66 -34.34 10.11
CA PHE B 170 -4.52 -34.87 9.06
C PHE B 170 -3.91 -36.09 8.41
N VAL B 171 -4.71 -37.16 8.33
CA VAL B 171 -4.26 -38.48 7.92
C VAL B 171 -5.16 -39.04 6.81
N GLU B 172 -4.59 -40.01 6.07
CA GLU B 172 -5.34 -40.62 4.98
C GLU B 172 -6.37 -41.65 5.47
N ASP B 173 -6.03 -42.40 6.52
CA ASP B 173 -6.83 -43.53 7.02
C ASP B 173 -6.81 -43.48 8.55
N VAL B 174 -7.80 -42.80 9.14
CA VAL B 174 -7.76 -42.59 10.59
C VAL B 174 -7.98 -43.90 11.34
N ALA B 175 -8.71 -44.84 10.74
CA ALA B 175 -8.93 -46.13 11.38
C ALA B 175 -7.63 -46.91 11.55
N ALA B 176 -6.64 -46.64 10.71
CA ALA B 176 -5.38 -47.36 10.72
C ALA B 176 -4.37 -46.80 11.71
N ILE B 177 -4.66 -45.65 12.32
CA ILE B 177 -3.72 -45.05 13.27
C ILE B 177 -3.57 -45.97 14.48
N PRO B 178 -2.33 -46.32 14.89
CA PRO B 178 -2.08 -47.15 16.10
C PRO B 178 -2.16 -46.26 17.35
N LEU B 179 -3.41 -45.92 17.70
CA LEU B 179 -3.67 -44.81 18.61
C LEU B 179 -3.19 -45.11 20.02
N GLU B 180 -3.33 -46.37 20.47
CA GLU B 180 -2.86 -46.78 21.78
C GLU B 180 -1.37 -46.58 21.96
N THR B 181 -0.62 -46.69 20.87
CA THR B 181 0.83 -46.56 20.89
C THR B 181 1.29 -45.12 20.71
N ILE B 182 0.79 -44.44 19.67
CA ILE B 182 1.29 -43.09 19.37
C ILE B 182 0.61 -42.02 20.21
N GLY B 183 -0.64 -42.25 20.67
CA GLY B 183 -1.36 -41.23 21.41
C GLY B 183 -0.61 -40.61 22.58
N PRO B 184 -0.17 -41.47 23.52
CA PRO B 184 0.58 -40.97 24.70
C PRO B 184 1.85 -40.22 24.35
N LYS B 185 2.46 -40.53 23.22
CA LYS B 185 3.68 -39.86 22.84
C LYS B 185 3.41 -38.44 22.37
N PHE B 186 2.24 -38.19 21.78
CA PHE B 186 1.83 -36.81 21.55
C PHE B 186 1.48 -36.12 22.86
N GLU B 187 0.70 -36.82 23.69
CA GLU B 187 0.15 -36.21 24.89
C GLU B 187 1.24 -35.58 25.74
N HIS B 188 2.33 -36.31 25.90
CA HIS B 188 3.41 -35.96 26.81
C HIS B 188 4.61 -35.40 26.08
N HIS B 189 4.42 -35.03 24.81
CA HIS B 189 5.55 -34.54 24.05
C HIS B 189 6.10 -33.27 24.72
N PRO B 190 7.43 -33.11 24.77
CA PRO B 190 8.01 -31.91 25.40
C PRO B 190 7.53 -30.61 24.82
N ALA B 191 7.06 -30.62 23.58
CA ALA B 191 6.57 -29.39 22.96
C ALA B 191 5.35 -28.83 23.64
N PHE B 192 4.75 -29.60 24.54
CA PHE B 192 3.47 -29.25 25.16
C PHE B 192 3.64 -29.20 26.67
N PRO B 193 3.96 -28.03 27.20
CA PRO B 193 4.25 -27.94 28.65
C PRO B 193 3.12 -28.39 29.53
N GLN B 194 1.86 -28.23 29.12
CA GLN B 194 0.73 -28.65 29.93
C GLN B 194 0.06 -29.88 29.33
N ARG B 195 0.78 -30.65 28.54
CA ARG B 195 0.30 -31.80 27.77
C ARG B 195 -0.66 -31.31 26.69
N THR B 196 -1.18 -32.23 25.88
CA THR B 196 -2.15 -31.85 24.87
C THR B 196 -3.13 -32.99 24.65
N ASN B 197 -4.32 -32.60 24.14
CA ASN B 197 -5.18 -33.55 23.46
C ASN B 197 -4.73 -33.66 22.00
N THR B 198 -4.93 -34.84 21.41
CA THR B 198 -4.40 -35.13 20.08
C THR B 198 -5.51 -35.73 19.23
N GLU B 199 -5.79 -35.07 18.11
CA GLU B 199 -6.82 -35.50 17.17
C GLU B 199 -6.18 -35.90 15.85
N PHE B 200 -6.57 -37.07 15.36
CA PHE B 200 -6.22 -37.56 14.03
C PHE B 200 -7.43 -37.41 13.15
N ILE B 201 -7.31 -36.65 12.06
CA ILE B 201 -8.45 -36.28 11.25
C ILE B 201 -8.28 -36.82 9.85
N GLN B 202 -9.28 -37.57 9.38
CA GLN B 202 -9.40 -37.95 7.98
C GLN B 202 -10.49 -37.08 7.35
N VAL B 203 -10.10 -36.27 6.37
CA VAL B 203 -11.05 -35.43 5.65
C VAL B 203 -11.78 -36.28 4.61
N VAL B 204 -13.08 -36.46 4.78
CA VAL B 204 -13.89 -37.17 3.79
C VAL B 204 -14.34 -36.20 2.70
N SER B 205 -14.81 -35.04 3.11
CA SER B 205 -15.20 -33.98 2.19
C SER B 205 -15.03 -32.67 2.94
N ARG B 206 -15.30 -31.56 2.24
CA ARG B 206 -15.13 -30.25 2.85
C ARG B 206 -16.13 -29.99 3.97
N ASP B 207 -17.17 -30.81 4.12
CA ASP B 207 -18.10 -30.67 5.23
C ASP B 207 -18.20 -31.93 6.08
N TYR B 208 -17.20 -32.81 6.03
CA TYR B 208 -17.26 -34.06 6.78
C TYR B 208 -15.86 -34.53 7.13
N LEU B 209 -15.59 -34.54 8.44
CA LEU B 209 -14.33 -34.97 9.00
C LEU B 209 -14.55 -36.18 9.89
N LYS B 210 -13.68 -37.17 9.76
CA LYS B 210 -13.63 -38.31 10.67
C LYS B 210 -12.50 -38.10 11.68
N MET B 211 -12.83 -38.23 12.95
CA MET B 211 -11.89 -37.95 14.04
C MET B 211 -11.67 -39.15 14.94
N ARG B 212 -10.42 -39.38 15.32
CA ARG B 212 -10.11 -40.20 16.50
C ARG B 212 -9.25 -39.35 17.42
N VAL B 213 -9.36 -39.59 18.72
CA VAL B 213 -8.69 -38.72 19.70
C VAL B 213 -8.00 -39.56 20.76
N TRP B 214 -6.80 -39.10 21.17
CA TRP B 214 -6.13 -39.52 22.40
C TRP B 214 -6.18 -38.29 23.30
N GLU B 215 -6.93 -38.38 24.40
CA GLU B 215 -7.15 -37.23 25.26
C GLU B 215 -6.10 -37.10 26.34
N ARG B 216 -5.69 -35.88 26.60
CA ARG B 216 -4.98 -35.59 27.83
C ARG B 216 -5.80 -36.11 29.01
N GLY B 217 -5.15 -36.89 29.87
CA GLY B 217 -5.77 -37.30 31.11
C GLY B 217 -6.88 -38.31 31.00
N ALA B 218 -7.27 -38.74 29.80
CA ALA B 218 -8.32 -39.72 29.63
C ALA B 218 -8.04 -40.81 28.61
N GLY B 219 -7.06 -40.64 27.73
CA GLY B 219 -6.70 -41.66 26.77
C GLY B 219 -7.68 -41.76 25.61
N ILE B 220 -7.92 -42.98 25.12
CA ILE B 220 -8.84 -43.16 24.00
C ILE B 220 -10.26 -42.98 24.52
N THR B 221 -10.96 -42.04 23.91
CA THR B 221 -12.36 -41.81 24.17
C THR B 221 -13.15 -41.90 22.86
N LEU B 222 -14.46 -42.07 23.03
CA LEU B 222 -15.33 -42.24 21.88
C LEU B 222 -15.73 -40.91 21.25
N ALA B 223 -15.40 -39.78 21.87
CA ALA B 223 -15.83 -38.49 21.38
C ALA B 223 -15.18 -37.40 22.22
N CYS B 224 -14.96 -36.25 21.58
CA CYS B 224 -14.48 -35.08 22.32
C CYS B 224 -14.95 -33.82 21.62
N GLY B 225 -15.79 -33.07 22.34
CA GLY B 225 -16.40 -31.89 21.76
C GLY B 225 -15.40 -30.77 21.52
N THR B 226 -14.57 -30.45 22.53
CA THR B 226 -13.56 -29.42 22.30
C THR B 226 -12.62 -29.89 21.19
N GLY B 227 -12.34 -31.20 21.12
CA GLY B 227 -11.43 -31.72 20.12
C GLY B 227 -12.02 -31.60 18.72
N ALA B 228 -13.31 -31.88 18.59
CA ALA B 228 -13.98 -31.72 17.32
C ALA B 228 -13.98 -30.26 16.89
N CYS B 229 -14.26 -29.34 17.83
CA CYS B 229 -14.18 -27.91 17.56
C CYS B 229 -12.80 -27.52 17.06
N ALA B 230 -11.77 -27.92 17.79
CA ALA B 230 -10.41 -27.56 17.43
C ALA B 230 -10.04 -28.13 16.07
N SER B 231 -10.52 -29.34 15.75
CA SER B 231 -10.17 -29.98 14.49
C SER B 231 -10.83 -29.28 13.32
N LEU B 232 -12.08 -28.86 13.49
CA LEU B 232 -12.73 -28.05 12.46
C LEU B 232 -11.96 -26.77 12.22
N VAL B 233 -11.56 -26.10 13.30
CA VAL B 233 -10.77 -24.88 13.15
C VAL B 233 -9.50 -25.18 12.37
N ALA B 234 -8.79 -26.24 12.77
CA ALA B 234 -7.56 -26.62 12.08
C ALA B 234 -7.83 -26.88 10.61
N ALA B 235 -8.94 -27.54 10.30
CA ALA B 235 -9.22 -27.86 8.90
C ALA B 235 -9.48 -26.60 8.09
N VAL B 236 -10.14 -25.60 8.70
CA VAL B 236 -10.33 -24.31 8.03
C VAL B 236 -9.00 -23.60 7.86
N LEU B 237 -8.22 -23.53 8.96
CA LEU B 237 -6.95 -22.82 8.90
C LEU B 237 -6.04 -23.38 7.82
N THR B 238 -6.11 -24.67 7.55
CA THR B 238 -5.23 -25.32 6.58
C THR B 238 -5.91 -25.45 5.21
N GLY B 239 -7.12 -24.87 5.05
CA GLY B 239 -7.78 -24.86 3.77
C GLY B 239 -8.45 -26.16 3.37
N ARG B 240 -8.59 -27.11 4.30
CA ARG B 240 -9.08 -28.45 3.98
C ARG B 240 -10.58 -28.60 4.12
N SER B 241 -11.23 -27.72 4.88
CA SER B 241 -12.66 -27.84 5.12
C SER B 241 -13.31 -26.47 5.13
N ASP B 242 -14.64 -26.49 4.94
CA ASP B 242 -15.48 -25.34 5.18
C ASP B 242 -15.65 -25.10 6.68
N ARG B 243 -16.28 -23.98 7.02
CA ARG B 243 -16.49 -23.63 8.42
C ARG B 243 -17.67 -24.34 9.06
N LEU B 244 -18.45 -25.07 8.27
CA LEU B 244 -19.57 -25.87 8.76
C LEU B 244 -19.32 -27.31 8.37
N ALA B 245 -19.19 -28.20 9.36
CA ALA B 245 -18.96 -29.59 9.03
C ALA B 245 -19.52 -30.50 10.08
N THR B 246 -19.79 -31.73 9.64
CA THR B 246 -19.99 -32.83 10.56
C THR B 246 -18.63 -33.39 10.94
N VAL B 247 -18.41 -33.60 12.23
CA VAL B 247 -17.25 -34.36 12.71
C VAL B 247 -17.77 -35.70 13.22
N GLU B 248 -17.41 -36.77 12.51
CA GLU B 248 -17.80 -38.11 12.88
C GLU B 248 -16.78 -38.68 13.86
N LEU B 249 -17.23 -38.97 15.07
CA LEU B 249 -16.42 -39.59 16.10
C LEU B 249 -16.82 -41.03 16.27
N PRO B 250 -16.00 -41.81 16.98
CA PRO B 250 -16.34 -43.23 17.16
C PRO B 250 -17.71 -43.43 17.77
N GLY B 251 -18.14 -42.52 18.65
CA GLY B 251 -19.42 -42.58 19.30
C GLY B 251 -20.56 -41.94 18.54
N GLY B 252 -20.28 -41.33 17.38
CA GLY B 252 -21.29 -40.64 16.59
C GLY B 252 -20.88 -39.24 16.18
N PRO B 253 -21.81 -38.52 15.57
CA PRO B 253 -21.49 -37.22 14.98
C PRO B 253 -21.77 -35.99 15.81
N LEU B 254 -20.90 -34.97 15.66
CA LEU B 254 -21.16 -33.62 16.14
C LEU B 254 -21.25 -32.67 14.94
N GLU B 255 -22.09 -31.64 15.07
CA GLU B 255 -22.19 -30.57 14.09
C GLU B 255 -21.38 -29.37 14.61
N ILE B 256 -20.35 -28.99 13.86
CA ILE B 256 -19.46 -27.91 14.28
C ILE B 256 -19.56 -26.76 13.28
N GLU B 257 -19.69 -25.53 13.80
CA GLU B 257 -19.74 -24.33 12.98
C GLU B 257 -18.76 -23.29 13.53
N TRP B 258 -17.82 -22.85 12.70
CA TRP B 258 -17.02 -21.65 12.98
C TRP B 258 -17.79 -20.47 12.39
N SER B 259 -18.58 -19.79 13.23
CA SER B 259 -19.51 -18.80 12.70
C SER B 259 -18.79 -17.64 12.02
N GLU B 260 -19.25 -17.27 10.82
CA GLU B 260 -18.75 -16.05 10.18
C GLU B 260 -19.37 -14.79 10.80
N VAL B 261 -20.44 -14.93 11.59
CA VAL B 261 -21.06 -13.75 12.18
C VAL B 261 -20.25 -13.23 13.35
N ASP B 262 -19.86 -14.12 14.27
CA ASP B 262 -19.14 -13.69 15.47
C ASP B 262 -17.80 -14.38 15.69
N GLN B 263 -17.37 -15.26 14.77
CA GLN B 263 -16.09 -15.94 14.83
C GLN B 263 -15.97 -16.92 15.98
N ARG B 264 -17.07 -17.21 16.66
CA ARG B 264 -17.11 -18.19 17.73
C ARG B 264 -17.41 -19.56 17.15
N ILE B 265 -17.06 -20.60 17.91
CA ILE B 265 -17.35 -21.97 17.53
C ILE B 265 -18.63 -22.41 18.20
N TYR B 266 -19.54 -22.99 17.40
CA TYR B 266 -20.77 -23.61 17.88
C TYR B 266 -20.70 -25.13 17.65
N MET B 267 -21.06 -25.87 18.69
CA MET B 267 -21.01 -27.33 18.67
C MET B 267 -22.39 -27.88 19.06
N THR B 268 -22.97 -28.70 18.20
CA THR B 268 -24.29 -29.27 18.50
C THR B 268 -24.17 -30.78 18.59
N GLY B 269 -24.71 -31.36 19.66
CA GLY B 269 -24.76 -32.79 19.78
C GLY B 269 -25.68 -33.25 20.89
N PRO B 270 -25.76 -34.57 21.09
CA PRO B 270 -26.67 -35.14 22.09
C PRO B 270 -26.05 -35.27 23.47
N ALA B 271 -26.90 -35.63 24.43
CA ALA B 271 -26.51 -35.92 25.79
C ALA B 271 -27.51 -36.95 26.28
N ASP B 272 -27.02 -38.05 26.85
CA ASP B 272 -27.87 -39.17 27.26
C ASP B 272 -27.64 -39.50 28.74
N ARG B 273 -28.74 -39.53 29.50
CA ARG B 273 -28.73 -39.95 30.89
C ARG B 273 -28.83 -41.46 30.92
N VAL B 274 -27.91 -42.11 31.61
CA VAL B 274 -27.83 -43.57 31.58
C VAL B 274 -28.44 -44.18 32.83
N PHE B 275 -28.00 -43.73 34.01
CA PHE B 275 -28.48 -44.28 35.27
C PHE B 275 -28.12 -43.31 36.39
N THR B 276 -28.83 -43.45 37.50
CA THR B 276 -28.50 -42.74 38.72
C THR B 276 -27.96 -43.74 39.74
N GLY B 277 -27.09 -43.27 40.61
CA GLY B 277 -26.44 -44.19 41.52
C GLY B 277 -26.03 -43.52 42.80
N LYS B 278 -25.61 -44.36 43.73
CA LYS B 278 -25.09 -43.93 45.02
C LYS B 278 -23.95 -44.86 45.43
N LEU B 279 -22.79 -44.26 45.74
CA LEU B 279 -21.65 -45.05 46.19
C LEU B 279 -21.97 -45.78 47.49
N HIS B 280 -21.33 -46.92 47.70
CA HIS B 280 -21.54 -47.69 48.92
C HIS B 280 -20.76 -47.10 50.08
N ALA C 2 23.73 -2.40 -30.59
CA ALA C 2 25.17 -2.38 -30.83
C ALA C 2 25.92 -1.63 -29.73
N ILE C 3 25.16 -0.99 -28.83
CA ILE C 3 25.76 -0.18 -27.79
C ILE C 3 26.41 -1.09 -26.75
N GLU C 4 27.69 -0.85 -26.47
CA GLU C 4 28.42 -1.58 -25.46
C GLU C 4 28.45 -0.77 -24.17
N PHE C 5 28.34 -1.46 -23.03
CA PHE C 5 28.22 -0.79 -21.75
C PHE C 5 28.78 -1.69 -20.67
N THR C 6 29.02 -1.10 -19.50
CA THR C 6 29.38 -1.84 -18.30
C THR C 6 28.38 -1.46 -17.23
N LYS C 7 27.86 -2.46 -16.53
CA LYS C 7 26.95 -2.24 -15.41
C LYS C 7 27.75 -2.08 -14.13
N TYR C 8 27.42 -1.05 -13.37
CA TYR C 8 28.03 -0.76 -12.09
C TYR C 8 26.91 -0.51 -11.09
N HIS C 9 27.24 -0.56 -9.81
CA HIS C 9 26.37 0.03 -8.79
C HIS C 9 27.23 0.62 -7.68
N GLY C 10 26.70 1.70 -7.07
CA GLY C 10 27.27 2.25 -5.87
C GLY C 10 26.24 2.04 -4.78
N LEU C 11 26.48 1.07 -3.89
CA LEU C 11 25.54 0.71 -2.83
C LEU C 11 24.15 0.37 -3.39
N GLY C 12 24.12 -0.27 -4.56
CA GLY C 12 22.86 -0.74 -5.14
C GLY C 12 22.12 0.29 -5.97
N ASN C 13 22.61 1.53 -6.00
CA ASN C 13 22.17 2.58 -6.94
C ASN C 13 22.90 2.24 -8.22
N ASP C 14 22.19 1.64 -9.18
CA ASP C 14 22.86 0.94 -10.27
C ASP C 14 22.75 1.72 -11.58
N PHE C 15 23.80 1.60 -12.41
CA PHE C 15 23.96 2.45 -13.57
C PHE C 15 24.54 1.68 -14.74
N ILE C 16 24.14 2.11 -15.93
CA ILE C 16 24.75 1.70 -17.18
C ILE C 16 25.83 2.73 -17.51
N LEU C 17 27.09 2.30 -17.60
CA LEU C 17 28.18 3.18 -17.96
C LEU C 17 28.57 2.98 -19.41
N ILE C 18 28.68 4.08 -20.13
CA ILE C 18 29.04 4.06 -21.55
C ILE C 18 30.35 4.80 -21.72
N ASP C 19 31.31 4.14 -22.36
CA ASP C 19 32.55 4.77 -22.82
C ASP C 19 32.22 5.70 -23.99
N ASN C 20 32.20 7.01 -23.73
CA ASN C 20 31.81 8.02 -24.70
C ASN C 20 32.96 8.95 -25.02
N ARG C 21 34.18 8.43 -24.91
CA ARG C 21 35.36 9.28 -25.06
C ARG C 21 35.59 9.68 -26.51
N ALA C 22 35.00 8.94 -27.45
CA ALA C 22 35.19 9.23 -28.87
C ALA C 22 34.46 10.47 -29.36
N SER C 23 33.52 11.01 -28.58
CA SER C 23 32.72 12.14 -29.06
C SER C 23 32.10 12.88 -27.87
N LYS C 24 31.90 14.18 -28.04
CA LYS C 24 31.19 14.96 -27.03
C LYS C 24 29.70 14.78 -27.10
N THR C 25 29.21 14.08 -28.13
CA THR C 25 27.79 13.80 -28.25
C THR C 25 27.46 12.49 -27.56
N PRO C 26 26.52 12.45 -26.61
CA PRO C 26 26.20 11.18 -25.98
C PRO C 26 25.72 10.17 -26.99
N ALA C 27 26.11 8.91 -26.75
CA ALA C 27 25.86 7.84 -27.70
C ALA C 27 24.40 7.46 -27.82
N ILE C 28 23.56 7.90 -26.87
CA ILE C 28 22.14 7.58 -26.90
C ILE C 28 21.35 8.83 -26.52
N THR C 29 20.09 8.82 -26.92
CA THR C 29 19.17 9.88 -26.54
C THR C 29 18.57 9.60 -25.16
N PRO C 30 18.02 10.62 -24.53
CA PRO C 30 17.24 10.35 -23.30
C PRO C 30 16.13 9.34 -23.51
N GLU C 31 15.45 9.40 -24.66
CA GLU C 31 14.40 8.42 -24.93
C GLU C 31 14.95 7.01 -24.91
N LYS C 32 16.13 6.80 -25.52
CA LYS C 32 16.71 5.47 -25.54
C LYS C 32 17.16 5.08 -24.14
N ALA C 33 17.64 6.06 -23.37
CA ALA C 33 18.03 5.79 -22.00
C ALA C 33 16.85 5.24 -21.19
N VAL C 34 15.66 5.81 -21.38
CA VAL C 34 14.47 5.31 -20.68
C VAL C 34 14.28 3.84 -21.02
N GLU C 35 14.39 3.49 -22.32
CA GLU C 35 14.22 2.11 -22.74
C GLU C 35 15.28 1.20 -22.14
N MET C 36 16.54 1.66 -22.13
CA MET C 36 17.64 0.85 -21.61
C MET C 36 17.52 0.65 -20.11
N CYS C 37 17.00 1.63 -19.38
CA CYS C 37 16.87 1.55 -17.93
C CYS C 37 15.67 0.72 -17.49
N ASP C 38 14.73 0.44 -18.38
CA ASP C 38 13.58 -0.39 -18.03
C ASP C 38 14.07 -1.76 -17.53
N ARG C 39 13.63 -2.13 -16.33
CA ARG C 39 14.21 -3.32 -15.73
C ARG C 39 13.75 -4.62 -16.36
N HIS C 40 12.59 -4.64 -17.02
CA HIS C 40 12.11 -5.87 -17.64
C HIS C 40 12.38 -5.94 -19.15
N PHE C 41 12.20 -4.83 -19.85
CA PHE C 41 12.36 -4.78 -21.28
C PHE C 41 13.75 -4.33 -21.74
N GLY C 42 14.54 -3.74 -20.84
CA GLY C 42 15.86 -3.26 -21.18
C GLY C 42 16.94 -3.91 -20.34
N ILE C 43 18.00 -3.15 -20.06
CA ILE C 43 19.08 -3.60 -19.19
C ILE C 43 18.68 -3.52 -17.72
N GLY C 44 18.06 -2.41 -17.33
CA GLY C 44 17.64 -2.14 -15.97
C GLY C 44 18.69 -1.34 -15.24
N ALA C 45 18.32 -0.11 -14.85
CA ALA C 45 19.20 0.77 -14.12
C ALA C 45 18.43 1.96 -13.58
N ASP C 46 19.05 2.63 -12.61
CA ASP C 46 18.58 3.93 -12.16
C ASP C 46 19.01 5.06 -13.08
N GLY C 47 20.01 4.82 -13.95
CA GLY C 47 20.44 5.85 -14.87
C GLY C 47 21.51 5.36 -15.82
N VAL C 48 21.78 6.19 -16.82
CA VAL C 48 22.86 5.98 -17.77
C VAL C 48 23.86 7.09 -17.53
N ILE C 49 25.13 6.72 -17.43
CA ILE C 49 26.22 7.65 -17.21
C ILE C 49 27.18 7.56 -18.38
N PHE C 50 27.52 8.72 -18.94
CA PHE C 50 28.45 8.81 -20.06
C PHE C 50 29.81 9.30 -19.58
N ALA C 51 30.86 8.55 -19.95
CA ALA C 51 32.25 8.96 -19.76
C ALA C 51 32.62 9.75 -21.02
N LEU C 52 32.65 11.07 -20.89
CA LEU C 52 32.79 11.99 -22.01
C LEU C 52 34.14 12.70 -21.99
N PRO C 53 34.54 13.30 -23.11
CA PRO C 53 35.78 14.06 -23.12
C PRO C 53 35.76 15.23 -22.14
N GLY C 54 36.95 15.50 -21.59
CA GLY C 54 37.13 16.62 -20.70
C GLY C 54 36.80 17.96 -21.34
N GLU C 55 36.60 18.96 -20.48
CA GLU C 55 36.24 20.32 -20.88
C GLU C 55 37.18 21.29 -20.17
N ASN C 56 38.21 21.74 -20.90
CA ASN C 56 39.13 22.77 -20.44
C ASN C 56 39.49 22.67 -18.96
N GLY C 57 40.61 22.00 -18.66
CA GLY C 57 41.03 21.86 -17.28
C GLY C 57 40.40 20.72 -16.51
N THR C 58 39.70 19.82 -17.19
CA THR C 58 39.17 18.62 -16.59
C THR C 58 39.66 17.40 -17.38
N ASP C 59 39.81 16.29 -16.67
CA ASP C 59 40.24 15.05 -17.30
C ASP C 59 39.14 14.44 -18.16
N TYR C 60 37.90 14.44 -17.65
CA TYR C 60 36.76 13.86 -18.33
C TYR C 60 35.54 14.69 -17.97
N THR C 61 34.43 14.42 -18.66
CA THR C 61 33.13 14.99 -18.31
C THR C 61 32.17 13.85 -17.99
N MET C 62 31.27 14.11 -17.02
CA MET C 62 30.18 13.21 -16.72
C MET C 62 28.87 13.85 -17.13
N ARG C 63 28.07 13.14 -17.93
CA ARG C 63 26.65 13.42 -18.04
C ARG C 63 25.86 12.18 -17.64
N ILE C 64 24.70 12.42 -17.03
CA ILE C 64 23.87 11.34 -16.52
C ILE C 64 22.43 11.59 -16.96
N PHE C 65 21.77 10.52 -17.42
CA PHE C 65 20.32 10.54 -17.62
C PHE C 65 19.70 9.66 -16.53
N ASN C 66 18.74 10.21 -15.80
CA ASN C 66 17.89 9.39 -14.94
C ASN C 66 17.10 8.37 -15.75
N SER C 67 16.60 7.35 -15.05
CA SER C 67 15.77 6.35 -15.70
C SER C 67 14.49 6.93 -16.30
N ASP C 68 14.06 8.13 -15.90
CA ASP C 68 12.93 8.76 -16.60
C ASP C 68 13.37 9.64 -17.78
N GLY C 69 14.67 9.63 -18.09
CA GLY C 69 15.20 10.37 -19.22
C GLY C 69 15.61 11.79 -18.90
N SER C 70 15.23 12.32 -17.74
CA SER C 70 15.67 13.65 -17.37
C SER C 70 17.16 13.67 -17.04
N GLU C 71 17.75 14.84 -17.20
CA GLU C 71 19.18 14.98 -17.01
C GLU C 71 19.47 15.80 -15.76
N PRO C 72 19.83 15.15 -14.65
CA PRO C 72 20.22 15.89 -13.45
C PRO C 72 21.66 16.41 -13.56
N GLU C 73 21.98 17.27 -12.60
CA GLU C 73 23.21 18.04 -12.63
C GLU C 73 24.40 17.31 -12.02
N MET C 74 24.16 16.35 -11.13
CA MET C 74 25.22 15.60 -10.51
C MET C 74 24.66 14.30 -9.97
N CYS C 75 25.57 13.40 -9.62
CA CYS C 75 25.24 12.10 -9.04
C CYS C 75 26.48 11.56 -8.34
N GLY C 76 26.37 11.37 -7.03
CA GLY C 76 27.48 10.95 -6.22
C GLY C 76 27.82 9.50 -6.39
N ASN C 77 26.83 8.62 -6.30
CA ASN C 77 27.11 7.21 -6.59
C ASN C 77 27.63 7.05 -8.01
N GLY C 78 27.11 7.83 -8.94
CA GLY C 78 27.53 7.71 -10.33
C GLY C 78 28.95 8.16 -10.56
N ILE C 79 29.37 9.25 -9.90
CA ILE C 79 30.76 9.70 -10.00
C ILE C 79 31.71 8.62 -9.51
N ARG C 80 31.37 7.96 -8.39
CA ARG C 80 32.23 6.89 -7.88
C ARG C 80 32.31 5.76 -8.90
N CYS C 81 31.16 5.38 -9.47
CA CYS C 81 31.19 4.35 -10.52
C CYS C 81 32.02 4.83 -11.71
N LEU C 82 31.85 6.08 -12.11
CA LEU C 82 32.58 6.61 -13.27
C LEU C 82 34.09 6.60 -13.01
N ALA C 83 34.50 6.95 -11.79
CA ALA C 83 35.93 6.97 -11.49
C ALA C 83 36.53 5.57 -11.60
N ALA C 84 35.82 4.57 -11.09
CA ALA C 84 36.23 3.17 -11.25
C ALA C 84 36.28 2.80 -12.73
N PHE C 85 35.27 3.20 -13.48
CA PHE C 85 35.21 2.92 -14.91
C PHE C 85 36.38 3.54 -15.65
N LEU C 86 36.69 4.79 -15.31
CA LEU C 86 37.77 5.50 -16.00
C LEU C 86 39.11 4.83 -15.69
N ALA C 87 39.31 4.45 -14.43
CA ALA C 87 40.54 3.75 -14.08
C ALA C 87 40.69 2.47 -14.88
N ASP C 88 39.60 1.72 -15.08
CA ASP C 88 39.66 0.52 -15.89
C ASP C 88 39.96 0.84 -17.35
N LEU C 89 39.34 1.89 -17.89
CA LEU C 89 39.57 2.26 -19.28
C LEU C 89 41.02 2.71 -19.49
N GLU C 90 41.56 3.48 -18.52
CA GLU C 90 42.93 3.96 -18.63
C GLU C 90 43.93 2.83 -18.39
N GLY C 91 43.62 1.89 -17.50
CA GLY C 91 44.49 0.75 -17.26
C GLY C 91 45.85 1.17 -16.75
N LEU C 92 46.90 0.54 -17.29
CA LEU C 92 48.26 0.87 -16.85
C LEU C 92 48.68 2.27 -17.28
N SER C 93 47.97 2.89 -18.22
CA SER C 93 48.24 4.27 -18.60
C SER C 93 47.81 5.28 -17.54
N ARG C 94 47.01 4.86 -16.55
CA ARG C 94 46.65 5.80 -15.48
C ARG C 94 47.89 6.22 -14.70
N ASN C 95 48.02 7.53 -14.46
CA ASN C 95 49.19 8.09 -13.78
C ASN C 95 48.82 8.98 -12.60
N LYS C 96 47.67 8.72 -11.97
CA LYS C 96 47.24 9.54 -10.83
C LYS C 96 46.09 8.81 -10.17
N ASP C 97 45.74 9.24 -8.95
CA ASP C 97 44.68 8.61 -8.18
C ASP C 97 43.42 9.48 -8.14
N THR C 98 43.43 10.63 -8.79
CA THR C 98 42.28 11.53 -8.79
C THR C 98 41.93 11.88 -10.22
N TYR C 99 40.66 12.15 -10.46
CA TYR C 99 40.20 12.73 -11.70
C TYR C 99 39.47 14.03 -11.38
N ARG C 100 39.71 15.04 -12.21
CA ARG C 100 38.88 16.23 -12.23
C ARG C 100 37.79 16.02 -13.29
N ILE C 101 36.54 16.02 -12.85
CA ILE C 101 35.42 15.67 -13.72
C ILE C 101 34.49 16.86 -13.86
N HIS C 102 34.24 17.27 -15.10
CA HIS C 102 33.30 18.34 -15.40
C HIS C 102 31.88 17.79 -15.32
N THR C 103 31.03 18.44 -14.57
CA THR C 103 29.61 18.10 -14.53
C THR C 103 28.81 19.37 -14.71
N LEU C 104 27.51 19.21 -14.97
CA LEU C 104 26.64 20.38 -15.01
C LEU C 104 26.72 21.20 -13.72
N ALA C 105 26.97 20.54 -12.59
CA ALA C 105 27.01 21.22 -11.31
C ALA C 105 28.32 21.94 -11.05
N GLY C 106 29.36 21.63 -11.80
CA GLY C 106 30.69 22.12 -11.54
C GLY C 106 31.72 21.01 -11.58
N VAL C 107 32.95 21.33 -11.24
CA VAL C 107 34.02 20.34 -11.22
C VAL C 107 33.92 19.51 -9.95
N ILE C 108 34.00 18.20 -10.11
CA ILE C 108 33.88 17.23 -9.05
C ILE C 108 35.12 16.36 -9.11
N THR C 109 35.74 16.09 -7.95
CA THR C 109 37.02 15.40 -7.95
C THR C 109 36.99 14.10 -7.13
N PRO C 110 36.75 12.96 -7.79
CA PRO C 110 36.88 11.68 -7.10
C PRO C 110 38.35 11.28 -6.93
N GLN C 111 38.63 10.65 -5.80
CA GLN C 111 39.93 10.10 -5.47
C GLN C 111 39.84 8.61 -5.22
N LEU C 112 40.66 7.84 -5.95
CA LEU C 112 40.75 6.41 -5.74
C LEU C 112 41.62 6.16 -4.51
N THR C 113 41.05 5.57 -3.48
CA THR C 113 41.77 5.42 -2.23
C THR C 113 42.38 4.03 -2.11
N PRO C 114 43.39 3.87 -1.27
CA PRO C 114 44.12 2.60 -1.27
C PRO C 114 43.24 1.40 -0.94
N ASP C 115 42.23 1.56 -0.09
CA ASP C 115 41.41 0.43 0.37
C ASP C 115 40.30 0.07 -0.62
N GLY C 116 40.27 0.67 -1.80
CA GLY C 116 39.31 0.31 -2.82
C GLY C 116 38.09 1.21 -2.88
N GLN C 117 37.96 2.13 -1.92
CA GLN C 117 36.84 3.06 -1.90
C GLN C 117 37.14 4.26 -2.80
N ILE C 118 36.17 5.14 -2.94
CA ILE C 118 36.35 6.37 -3.71
C ILE C 118 35.84 7.51 -2.84
N LYS C 119 36.70 8.50 -2.61
CA LYS C 119 36.42 9.69 -1.81
C LYS C 119 36.25 10.85 -2.77
N VAL C 120 35.11 11.53 -2.69
CA VAL C 120 34.79 12.54 -3.69
C VAL C 120 34.69 13.90 -3.03
N ASP C 121 35.35 14.87 -3.62
CA ASP C 121 35.15 16.29 -3.33
C ASP C 121 33.88 16.73 -4.05
N MET C 122 32.77 16.81 -3.31
CA MET C 122 31.47 17.11 -3.89
C MET C 122 31.16 18.60 -4.00
N GLY C 123 32.05 19.45 -3.49
CA GLY C 123 31.89 20.89 -3.62
C GLY C 123 31.17 21.48 -2.43
N LEU C 124 30.92 22.80 -2.53
CA LEU C 124 30.19 23.49 -1.46
C LEU C 124 28.71 23.15 -1.55
N PRO C 125 28.07 22.90 -0.41
CA PRO C 125 26.60 22.80 -0.43
C PRO C 125 26.00 24.15 -0.72
N ARG C 126 24.84 24.13 -1.36
CA ARG C 126 24.12 25.34 -1.72
C ARG C 126 22.86 25.41 -0.87
N LEU C 127 22.74 26.50 -0.13
CA LEU C 127 21.77 26.58 0.95
C LEU C 127 20.63 27.56 0.71
N LEU C 128 20.72 28.44 -0.29
CA LEU C 128 19.68 29.44 -0.51
C LEU C 128 18.55 28.86 -1.35
N ALA C 129 17.33 29.31 -1.04
CA ALA C 129 16.14 28.79 -1.71
C ALA C 129 16.23 28.94 -3.23
N GLY C 130 16.74 30.07 -3.71
CA GLY C 130 16.92 30.24 -5.15
C GLY C 130 17.87 29.24 -5.78
N GLU C 131 18.75 28.63 -4.98
CA GLU C 131 19.72 27.68 -5.48
C GLU C 131 19.22 26.25 -5.47
N ILE C 132 18.07 25.98 -4.85
CA ILE C 132 17.60 24.61 -4.71
C ILE C 132 17.11 24.06 -6.05
N PRO C 133 16.14 24.71 -6.75
CA PRO C 133 15.33 25.87 -6.36
C PRO C 133 14.07 25.45 -5.63
N THR C 134 13.58 26.32 -4.75
CA THR C 134 12.29 26.11 -4.10
C THR C 134 11.67 27.46 -3.77
N ASN C 135 10.34 27.48 -3.68
CA ASN C 135 9.58 28.67 -3.35
C ASN C 135 9.15 28.71 -1.89
N ILE C 136 9.67 27.80 -1.06
CA ILE C 136 9.31 27.78 0.36
C ILE C 136 9.75 29.05 1.04
N ALA C 137 10.87 29.63 0.64
CA ALA C 137 11.39 30.86 1.20
C ALA C 137 11.80 31.79 0.07
N ALA C 138 12.10 33.04 0.43
CA ALA C 138 12.65 33.97 -0.54
C ALA C 138 13.97 33.45 -1.12
N ALA C 139 14.25 33.85 -2.35
CA ALA C 139 15.38 33.28 -3.08
C ALA C 139 16.70 33.39 -2.32
N ASP C 140 16.86 34.45 -1.52
CA ASP C 140 18.13 34.73 -0.86
C ASP C 140 18.15 34.24 0.58
N GLN C 141 17.15 33.45 0.99
CA GLN C 141 17.04 32.92 2.33
C GLN C 141 17.34 31.42 2.35
N LYS C 142 17.87 30.94 3.48
CA LYS C 142 17.95 29.50 3.67
C LYS C 142 16.58 28.89 3.96
N VAL C 143 16.53 27.55 3.89
CA VAL C 143 15.30 26.79 4.09
C VAL C 143 15.59 25.72 5.14
N ILE C 144 15.43 26.07 6.42
CA ILE C 144 15.80 25.21 7.54
C ILE C 144 14.59 24.97 8.43
N ASN C 145 14.20 23.71 8.60
CA ASN C 145 13.04 23.34 9.41
C ASN C 145 11.82 24.18 9.06
N GLN C 146 11.53 24.25 7.80
CA GLN C 146 10.41 25.03 7.28
C GLN C 146 9.22 24.14 6.95
N PRO C 147 8.01 24.67 6.99
CA PRO C 147 6.83 23.82 6.72
C PRO C 147 6.62 23.51 5.25
N LEU C 148 6.16 22.29 5.00
CA LEU C 148 5.72 21.88 3.66
C LEU C 148 4.52 20.96 3.82
N GLU C 149 3.36 21.41 3.32
CA GLU C 149 2.13 20.64 3.38
C GLU C 149 2.10 19.67 2.21
N VAL C 150 1.98 18.38 2.52
CA VAL C 150 1.94 17.33 1.53
C VAL C 150 0.73 16.47 1.84
N GLU C 151 -0.31 16.59 1.03
CA GLU C 151 -1.55 15.84 1.22
C GLU C 151 -2.14 16.12 2.60
N GLY C 152 -2.26 17.41 2.91
CA GLY C 152 -2.86 17.83 4.15
C GLY C 152 -2.09 17.56 5.41
N LYS C 153 -0.93 16.90 5.35
CA LYS C 153 -0.04 16.78 6.50
C LYS C 153 1.14 17.74 6.33
N THR C 154 1.48 18.44 7.40
CA THR C 154 2.56 19.41 7.36
C THR C 154 3.85 18.76 7.82
N TRP C 155 4.85 18.79 6.94
CA TRP C 155 6.16 18.23 7.22
C TRP C 155 7.14 19.35 7.48
N GLU C 156 8.06 19.11 8.41
CA GLU C 156 9.21 19.99 8.61
C GLU C 156 10.32 19.59 7.66
N VAL C 157 10.76 20.51 6.82
CA VAL C 157 11.78 20.20 5.82
C VAL C 157 12.91 21.21 5.81
N THR C 158 14.07 20.72 5.36
CA THR C 158 15.26 21.53 5.16
C THR C 158 15.70 21.24 3.72
N CYS C 159 16.02 22.27 2.96
CA CYS C 159 16.46 22.07 1.58
C CYS C 159 17.93 22.43 1.42
N VAL C 160 18.63 21.59 0.66
CA VAL C 160 20.04 21.74 0.32
C VAL C 160 20.22 21.34 -1.13
N SER C 161 21.07 22.04 -1.86
CA SER C 161 21.44 21.59 -3.20
C SER C 161 22.90 21.18 -3.22
N MET C 162 23.17 20.03 -3.87
CA MET C 162 24.52 19.57 -4.19
C MET C 162 24.77 19.68 -5.68
N GLY C 163 24.16 20.68 -6.28
CA GLY C 163 24.06 20.80 -7.69
C GLY C 163 22.71 20.39 -8.21
N ASN C 164 22.05 19.48 -7.50
CA ASN C 164 20.68 19.02 -7.69
C ASN C 164 19.89 19.27 -6.40
N PRO C 165 18.56 19.32 -6.48
CA PRO C 165 17.73 19.68 -5.32
C PRO C 165 17.46 18.54 -4.36
N HIS C 166 17.52 18.85 -3.06
CA HIS C 166 17.15 17.93 -1.99
C HIS C 166 16.24 18.59 -0.97
N CYS C 167 15.31 17.78 -0.51
CA CYS C 167 14.33 18.15 0.51
C CYS C 167 14.44 17.08 1.58
N ILE C 168 14.86 17.46 2.79
CA ILE C 168 15.19 16.52 3.84
C ILE C 168 14.23 16.72 5.00
N THR C 169 13.71 15.61 5.51
CA THR C 169 12.81 15.64 6.66
C THR C 169 13.26 14.57 7.68
N PHE C 170 13.27 14.95 8.94
CA PHE C 170 13.74 14.08 10.01
C PHE C 170 12.57 13.40 10.67
N VAL C 171 12.69 12.07 10.79
CA VAL C 171 11.63 11.20 11.25
C VAL C 171 12.10 10.27 12.37
N GLU C 172 11.11 9.74 13.11
CA GLU C 172 11.42 8.85 14.22
C GLU C 172 11.75 7.44 13.75
N ASP C 173 11.06 6.96 12.70
CA ASP C 173 11.15 5.58 12.25
C ASP C 173 11.15 5.60 10.71
N VAL C 174 12.35 5.63 10.12
CA VAL C 174 12.43 5.79 8.65
C VAL C 174 11.90 4.55 7.94
N ALA C 175 12.04 3.38 8.57
CA ALA C 175 11.55 2.14 7.95
C ALA C 175 10.04 2.14 7.79
N ALA C 176 9.32 2.91 8.62
CA ALA C 176 7.88 2.97 8.62
C ALA C 176 7.30 3.98 7.64
N ILE C 177 8.14 4.78 6.99
CA ILE C 177 7.65 5.77 6.04
C ILE C 177 7.04 5.05 4.83
N PRO C 178 5.80 5.41 4.40
CA PRO C 178 5.14 4.82 3.21
C PRO C 178 5.68 5.47 1.94
N LEU C 179 6.91 5.09 1.62
CA LEU C 179 7.71 5.86 0.68
C LEU C 179 7.14 5.83 -0.73
N GLU C 180 6.57 4.69 -1.13
CA GLU C 180 5.96 4.54 -2.45
C GLU C 180 4.79 5.51 -2.63
N THR C 181 4.09 5.81 -1.55
CA THR C 181 2.93 6.69 -1.59
C THR C 181 3.30 8.16 -1.48
N ILE C 182 4.11 8.53 -0.49
CA ILE C 182 4.37 9.95 -0.23
C ILE C 182 5.54 10.49 -1.03
N GLY C 183 6.46 9.64 -1.46
CA GLY C 183 7.60 10.07 -2.24
C GLY C 183 7.29 10.94 -3.44
N PRO C 184 6.42 10.44 -4.34
CA PRO C 184 6.08 11.23 -5.53
C PRO C 184 5.39 12.54 -5.21
N LYS C 185 4.69 12.60 -4.08
CA LYS C 185 4.01 13.84 -3.72
C LYS C 185 5.00 14.91 -3.27
N PHE C 186 6.13 14.50 -2.68
CA PHE C 186 7.21 15.46 -2.46
C PHE C 186 7.88 15.83 -3.78
N GLU C 187 8.19 14.82 -4.60
CA GLU C 187 8.95 15.03 -5.82
C GLU C 187 8.33 16.11 -6.69
N HIS C 188 7.01 16.05 -6.88
CA HIS C 188 6.28 16.93 -7.79
C HIS C 188 5.56 18.04 -7.04
N HIS C 189 5.93 18.28 -5.79
CA HIS C 189 5.25 19.33 -5.05
C HIS C 189 5.45 20.67 -5.75
N PRO C 190 4.41 21.52 -5.79
CA PRO C 190 4.55 22.82 -6.47
C PRO C 190 5.64 23.69 -5.90
N ALA C 191 6.04 23.45 -4.66
CA ALA C 191 7.09 24.25 -4.07
C ALA C 191 8.42 24.07 -4.77
N PHE C 192 8.52 23.06 -5.63
CA PHE C 192 9.77 22.68 -6.28
C PHE C 192 9.65 22.79 -7.79
N PRO C 193 9.99 23.95 -8.34
CA PRO C 193 9.79 24.17 -9.79
C PRO C 193 10.50 23.17 -10.67
N GLN C 194 11.64 22.63 -10.24
CA GLN C 194 12.37 21.66 -11.03
C GLN C 194 12.32 20.26 -10.42
N ARG C 195 11.28 20.01 -9.60
CA ARG C 195 11.11 18.79 -8.81
C ARG C 195 12.21 18.73 -7.75
N THR C 196 12.19 17.68 -6.95
CA THR C 196 13.22 17.54 -5.92
C THR C 196 13.45 16.07 -5.66
N ASN C 197 14.64 15.77 -5.15
CA ASN C 197 14.91 14.53 -4.43
C ASN C 197 14.47 14.70 -2.98
N THR C 198 14.01 13.61 -2.36
CA THR C 198 13.42 13.68 -1.03
C THR C 198 14.03 12.61 -0.15
N GLU C 199 14.61 13.05 0.96
CA GLU C 199 15.27 12.16 1.90
C GLU C 199 14.56 12.19 3.24
N PHE C 200 14.26 11.00 3.74
CA PHE C 200 13.73 10.80 5.08
C PHE C 200 14.86 10.29 5.96
N ILE C 201 15.14 11.01 7.05
CA ILE C 201 16.31 10.75 7.87
C ILE C 201 15.89 10.43 9.28
N GLN C 202 16.34 9.28 9.76
CA GLN C 202 16.28 8.93 11.17
C GLN C 202 17.66 9.11 11.80
N VAL C 203 17.77 10.03 12.75
CA VAL C 203 19.03 10.26 13.46
C VAL C 203 19.20 9.18 14.52
N VAL C 204 20.22 8.34 14.36
CA VAL C 204 20.54 7.33 15.36
C VAL C 204 21.44 7.92 16.44
N SER C 205 22.43 8.68 16.03
CA SER C 205 23.34 9.39 16.91
C SER C 205 23.88 10.57 16.14
N ARG C 206 24.70 11.39 16.80
CA ARG C 206 25.23 12.59 16.16
C ARG C 206 26.19 12.26 15.04
N ASP C 207 26.63 11.00 14.91
CA ASP C 207 27.50 10.62 13.81
C ASP C 207 26.93 9.48 12.99
N TYR C 208 25.61 9.26 13.06
CA TYR C 208 25.01 8.12 12.37
C TYR C 208 23.57 8.45 12.00
N LEU C 209 23.33 8.57 10.69
CA LEU C 209 22.02 8.85 10.12
C LEU C 209 21.57 7.67 9.27
N LYS C 210 20.31 7.31 9.39
CA LYS C 210 19.65 6.34 8.53
C LYS C 210 18.79 7.09 7.51
N MET C 211 18.99 6.79 6.23
CA MET C 211 18.34 7.48 5.12
C MET C 211 17.53 6.55 4.23
N ARG C 212 16.32 6.99 3.88
CA ARG C 212 15.61 6.45 2.72
C ARG C 212 15.34 7.61 1.78
N VAL C 213 15.28 7.32 0.47
CA VAL C 213 15.17 8.37 -0.52
C VAL C 213 14.13 8.01 -1.59
N TRP C 214 13.36 9.01 -2.00
CA TRP C 214 12.57 9.00 -3.23
C TRP C 214 13.25 9.99 -4.16
N GLU C 215 13.86 9.48 -5.22
CA GLU C 215 14.63 10.33 -6.13
C GLU C 215 13.79 10.96 -7.23
N ARG C 216 14.11 12.21 -7.53
CA ARG C 216 13.64 12.79 -8.77
C ARG C 216 14.05 11.90 -9.93
N GLY C 217 13.08 11.57 -10.78
CA GLY C 217 13.35 10.85 -12.00
C GLY C 217 13.78 9.41 -11.85
N ALA C 218 13.88 8.88 -10.64
CA ALA C 218 14.28 7.49 -10.44
C ALA C 218 13.47 6.75 -9.38
N GLY C 219 12.76 7.44 -8.49
CA GLY C 219 11.90 6.76 -7.54
C GLY C 219 12.67 6.20 -6.36
N ILE C 220 12.22 5.04 -5.86
CA ILE C 220 12.91 4.43 -4.73
C ILE C 220 14.21 3.83 -5.23
N THR C 221 15.31 4.30 -4.67
CA THR C 221 16.61 3.73 -4.91
C THR C 221 17.26 3.27 -3.61
N LEU C 222 18.31 2.46 -3.76
CA LEU C 222 18.95 1.87 -2.58
C LEU C 222 20.00 2.79 -1.98
N ALA C 223 20.33 3.89 -2.66
CA ALA C 223 21.37 4.77 -2.17
C ALA C 223 21.37 6.03 -3.03
N CYS C 224 21.80 7.13 -2.43
CA CYS C 224 21.97 8.36 -3.19
C CYS C 224 23.05 9.20 -2.53
N GLY C 225 24.16 9.37 -3.26
CA GLY C 225 25.30 10.08 -2.72
C GLY C 225 25.05 11.57 -2.51
N THR C 226 24.50 12.26 -3.52
CA THR C 226 24.18 13.67 -3.31
C THR C 226 23.15 13.79 -2.19
N GLY C 227 22.23 12.82 -2.10
CA GLY C 227 21.20 12.88 -1.08
C GLY C 227 21.76 12.70 0.32
N ALA C 228 22.71 11.78 0.47
CA ALA C 228 23.36 11.60 1.76
C ALA C 228 24.14 12.85 2.15
N CYS C 229 24.82 13.47 1.18
CA CYS C 229 25.54 14.72 1.42
C CYS C 229 24.59 15.79 1.89
N ALA C 230 23.48 15.96 1.17
CA ALA C 230 22.53 17.01 1.51
C ALA C 230 21.93 16.75 2.88
N SER C 231 21.69 15.48 3.20
CA SER C 231 21.08 15.12 4.48
C SER C 231 22.00 15.41 5.64
N LEU C 232 23.29 15.10 5.49
CA LEU C 232 24.27 15.47 6.51
C LEU C 232 24.30 16.98 6.71
N VAL C 233 24.33 17.74 5.61
CA VAL C 233 24.29 19.20 5.72
C VAL C 233 23.05 19.63 6.49
N ALA C 234 21.89 19.08 6.12
CA ALA C 234 20.65 19.45 6.80
C ALA C 234 20.73 19.12 8.28
N ALA C 235 21.33 17.98 8.61
CA ALA C 235 21.42 17.57 10.01
C ALA C 235 22.32 18.52 10.80
N VAL C 236 23.39 19.03 10.17
CA VAL C 236 24.23 20.04 10.82
C VAL C 236 23.48 21.35 10.96
N LEU C 237 22.83 21.79 9.86
CA LEU C 237 22.13 23.06 9.90
C LEU C 237 21.07 23.09 10.98
N THR C 238 20.47 21.94 11.28
CA THR C 238 19.39 21.87 12.27
C THR C 238 19.90 21.44 13.63
N GLY C 239 21.22 21.31 13.80
CA GLY C 239 21.82 20.99 15.08
C GLY C 239 21.69 19.54 15.52
N ARG C 240 21.28 18.64 14.62
CA ARG C 240 21.00 17.26 14.97
C ARG C 240 22.21 16.34 14.85
N SER C 241 23.22 16.73 14.08
CA SER C 241 24.37 15.87 13.87
C SER C 241 25.64 16.69 13.82
N ASP C 242 26.77 15.97 14.02
CA ASP C 242 28.08 16.51 13.74
C ASP C 242 28.33 16.57 12.22
N ARG C 243 29.45 17.19 11.86
CA ARG C 243 29.81 17.35 10.46
C ARG C 243 30.45 16.12 9.85
N LEU C 244 30.74 15.09 10.65
CA LEU C 244 31.29 13.83 10.19
C LEU C 244 30.32 12.74 10.63
N ALA C 245 29.72 12.05 9.65
CA ALA C 245 28.78 10.99 10.00
C ALA C 245 28.77 9.90 8.96
N THR C 246 28.39 8.71 9.42
CA THR C 246 27.95 7.63 8.56
C THR C 246 26.50 7.87 8.18
N VAL C 247 26.19 7.76 6.90
CA VAL C 247 24.81 7.74 6.44
C VAL C 247 24.53 6.33 5.94
N GLU C 248 23.66 5.63 6.66
CA GLU C 248 23.28 4.27 6.33
C GLU C 248 22.13 4.30 5.34
N LEU C 249 22.34 3.79 4.14
CA LEU C 249 21.32 3.66 3.13
C LEU C 249 20.89 2.22 3.00
N PRO C 250 19.75 1.97 2.35
CA PRO C 250 19.32 0.59 2.18
C PRO C 250 20.38 -0.33 1.58
N GLY C 251 21.22 0.20 0.67
CA GLY C 251 22.27 -0.56 0.03
C GLY C 251 23.59 -0.58 0.77
N GLY C 252 23.70 0.12 1.89
CA GLY C 252 24.91 0.20 2.66
C GLY C 252 25.30 1.62 3.06
N PRO C 253 26.48 1.74 3.64
CA PRO C 253 26.89 3.02 4.22
C PRO C 253 27.77 3.89 3.36
N LEU C 254 27.60 5.19 3.53
CA LEU C 254 28.52 6.21 3.01
C LEU C 254 29.10 7.00 4.18
N GLU C 255 30.35 7.46 4.02
CA GLU C 255 30.99 8.34 4.99
C GLU C 255 30.94 9.77 4.45
N ILE C 256 30.26 10.66 5.17
CA ILE C 256 30.07 12.04 4.71
C ILE C 256 30.78 12.98 5.68
N GLU C 257 31.50 13.95 5.13
CA GLU C 257 32.19 14.96 5.92
C GLU C 257 31.89 16.34 5.34
N TRP C 258 31.35 17.23 6.17
CA TRP C 258 31.30 18.66 5.87
C TRP C 258 32.57 19.28 6.44
N SER C 259 33.58 19.42 5.59
CA SER C 259 34.91 19.79 6.08
C SER C 259 34.90 21.17 6.73
N GLU C 260 35.51 21.27 7.91
CA GLU C 260 35.72 22.59 8.50
C GLU C 260 36.93 23.31 7.89
N VAL C 261 37.77 22.60 7.14
CA VAL C 261 38.92 23.24 6.52
C VAL C 261 38.49 24.10 5.33
N ASP C 262 37.67 23.54 4.43
CA ASP C 262 37.30 24.24 3.22
C ASP C 262 35.79 24.35 2.99
N GLN C 263 34.97 23.86 3.93
CA GLN C 263 33.51 23.93 3.89
C GLN C 263 32.89 23.14 2.76
N ARG C 264 33.65 22.29 2.09
CA ARG C 264 33.13 21.44 1.02
C ARG C 264 32.67 20.13 1.63
N ILE C 265 31.83 19.40 0.87
CA ILE C 265 31.38 18.08 1.29
C ILE C 265 32.25 17.02 0.64
N TYR C 266 32.70 16.07 1.46
CA TYR C 266 33.41 14.87 1.01
C TYR C 266 32.56 13.64 1.27
N MET C 267 32.44 12.80 0.25
CA MET C 267 31.65 11.57 0.31
C MET C 267 32.54 10.40 -0.05
N THR C 268 32.61 9.41 0.81
CA THR C 268 33.41 8.22 0.55
C THR C 268 32.51 6.99 0.51
N GLY C 269 32.68 6.19 -0.54
CA GLY C 269 31.95 4.94 -0.61
C GLY C 269 32.49 4.07 -1.71
N PRO C 270 31.87 2.90 -1.90
CA PRO C 270 32.34 1.92 -2.88
C PRO C 270 31.74 2.10 -4.27
N ALA C 271 32.25 1.29 -5.19
CA ALA C 271 31.74 1.23 -6.55
C ALA C 271 32.05 -0.18 -7.04
N ASP C 272 31.04 -0.88 -7.56
CA ASP C 272 31.16 -2.29 -7.95
C ASP C 272 30.79 -2.49 -9.41
N ARG C 273 31.71 -3.09 -10.17
CA ARG C 273 31.50 -3.48 -11.56
C ARG C 273 30.77 -4.81 -11.55
N VAL C 274 29.63 -4.88 -12.21
CA VAL C 274 28.80 -6.07 -12.17
C VAL C 274 29.00 -6.93 -13.40
N PHE C 275 28.86 -6.35 -14.58
CA PHE C 275 28.96 -7.09 -15.84
C PHE C 275 29.14 -6.11 -16.98
N THR C 276 29.66 -6.62 -18.09
CA THR C 276 29.76 -5.90 -19.35
C THR C 276 28.77 -6.51 -20.32
N GLY C 277 28.27 -5.69 -21.23
CA GLY C 277 27.22 -6.14 -22.11
C GLY C 277 27.22 -5.37 -23.41
N LYS C 278 26.40 -5.89 -24.33
CA LYS C 278 26.20 -5.29 -25.64
C LYS C 278 24.74 -5.46 -26.01
N LEU C 279 24.06 -4.36 -26.32
CA LEU C 279 22.68 -4.43 -26.79
C LEU C 279 22.57 -5.25 -28.07
N HIS C 280 21.44 -5.92 -28.23
CA HIS C 280 21.20 -6.71 -29.44
C HIS C 280 20.79 -5.77 -30.58
N ALA D 2 -35.15 59.30 -4.45
CA ALA D 2 -35.88 58.94 -3.24
C ALA D 2 -35.24 57.77 -2.50
N ILE D 3 -34.26 57.12 -3.10
CA ILE D 3 -33.59 55.96 -2.50
C ILE D 3 -32.69 56.46 -1.35
N GLU D 4 -32.91 55.92 -0.14
CA GLU D 4 -32.04 56.19 1.00
C GLU D 4 -30.95 55.12 1.08
N PHE D 5 -29.74 55.54 1.44
CA PHE D 5 -28.61 54.61 1.45
C PHE D 5 -27.58 55.05 2.51
N THR D 6 -26.66 54.13 2.81
CA THR D 6 -25.54 54.44 3.66
C THR D 6 -24.28 54.02 2.92
N LYS D 7 -23.29 54.89 2.89
CA LYS D 7 -22.00 54.58 2.28
C LYS D 7 -21.08 53.96 3.30
N TYR D 8 -20.49 52.82 2.94
CA TYR D 8 -19.49 52.14 3.75
C TYR D 8 -18.26 51.89 2.90
N HIS D 9 -17.14 51.59 3.56
CA HIS D 9 -16.03 50.97 2.85
C HIS D 9 -15.35 49.97 3.77
N GLY D 10 -14.77 48.94 3.17
CA GLY D 10 -13.91 48.02 3.88
C GLY D 10 -12.54 48.12 3.23
N LEU D 11 -11.62 48.78 3.93
CA LEU D 11 -10.30 49.07 3.40
C LEU D 11 -10.34 49.80 2.06
N GLY D 12 -11.30 50.72 1.89
CA GLY D 12 -11.41 51.54 0.69
C GLY D 12 -12.09 50.87 -0.49
N ASN D 13 -12.52 49.62 -0.32
CA ASN D 13 -13.43 48.94 -1.24
C ASN D 13 -14.80 49.42 -0.78
N ASP D 14 -15.40 50.34 -1.55
CA ASP D 14 -16.50 51.16 -1.04
C ASP D 14 -17.83 50.77 -1.66
N PHE D 15 -18.89 50.87 -0.87
CA PHE D 15 -20.17 50.29 -1.22
C PHE D 15 -21.31 51.19 -0.78
N ILE D 16 -22.38 51.12 -1.55
CA ILE D 16 -23.67 51.72 -1.24
C ILE D 16 -24.50 50.62 -0.60
N LEU D 17 -24.90 50.82 0.66
CA LEU D 17 -25.71 49.85 1.39
C LEU D 17 -27.17 50.31 1.40
N ILE D 18 -28.06 49.38 1.07
CA ILE D 18 -29.48 49.65 0.95
C ILE D 18 -30.23 48.75 1.92
N ASP D 19 -31.04 49.36 2.77
CA ASP D 19 -31.95 48.61 3.63
C ASP D 19 -33.08 48.08 2.76
N ASN D 20 -33.10 46.77 2.55
CA ASN D 20 -34.04 46.12 1.64
C ASN D 20 -34.84 45.05 2.38
N ARG D 21 -35.06 45.27 3.68
CA ARG D 21 -35.72 44.27 4.51
C ARG D 21 -37.20 44.11 4.18
N ALA D 22 -37.81 45.06 3.47
CA ALA D 22 -39.22 45.00 3.15
C ALA D 22 -39.55 44.04 2.01
N SER D 23 -38.56 43.52 1.29
CA SER D 23 -38.88 42.68 0.16
C SER D 23 -37.66 41.86 -0.23
N LYS D 24 -37.90 40.65 -0.71
CA LYS D 24 -36.81 39.87 -1.30
C LYS D 24 -36.39 40.40 -2.66
N THR D 25 -37.18 41.26 -3.29
CA THR D 25 -36.79 41.88 -4.55
C THR D 25 -35.89 43.08 -4.31
N PRO D 26 -34.65 43.10 -4.82
CA PRO D 26 -33.82 44.30 -4.66
C PRO D 26 -34.54 45.52 -5.20
N ALA D 27 -34.38 46.64 -4.49
CA ALA D 27 -35.13 47.85 -4.77
C ALA D 27 -34.62 48.64 -5.97
N ILE D 28 -33.45 48.27 -6.52
CA ILE D 28 -32.94 48.90 -7.72
C ILE D 28 -32.50 47.81 -8.69
N THR D 29 -32.58 48.13 -9.98
CA THR D 29 -32.15 47.26 -11.04
C THR D 29 -30.64 47.33 -11.18
N PRO D 30 -30.05 46.33 -11.81
CA PRO D 30 -28.60 46.43 -12.14
C PRO D 30 -28.26 47.69 -12.92
N GLU D 31 -29.11 48.07 -13.88
CA GLU D 31 -28.86 49.29 -14.64
C GLU D 31 -28.84 50.51 -13.74
N LYS D 32 -29.76 50.57 -12.77
CA LYS D 32 -29.75 51.71 -11.85
C LYS D 32 -28.52 51.64 -10.95
N ALA D 33 -28.08 50.44 -10.59
CA ALA D 33 -26.88 50.31 -9.77
C ALA D 33 -25.67 50.87 -10.51
N VAL D 34 -25.58 50.65 -11.81
CA VAL D 34 -24.47 51.20 -12.59
C VAL D 34 -24.45 52.71 -12.47
N GLU D 35 -25.62 53.33 -12.64
CA GLU D 35 -25.74 54.79 -12.53
C GLU D 35 -25.31 55.27 -11.14
N MET D 36 -25.74 54.55 -10.11
CA MET D 36 -25.47 54.97 -8.73
C MET D 36 -24.00 54.84 -8.43
N CYS D 37 -23.34 53.81 -8.97
CA CYS D 37 -21.93 53.59 -8.71
C CYS D 37 -21.01 54.51 -9.51
N ASP D 38 -21.53 55.19 -10.53
CA ASP D 38 -20.70 56.11 -11.31
C ASP D 38 -20.16 57.21 -10.39
N ARG D 39 -18.85 57.37 -10.39
CA ARG D 39 -18.25 58.23 -9.37
C ARG D 39 -18.47 59.71 -9.62
N HIS D 40 -18.73 60.12 -10.86
CA HIS D 40 -18.95 61.53 -11.15
C HIS D 40 -20.42 61.90 -11.28
N PHE D 41 -21.22 61.02 -11.88
CA PHE D 41 -22.62 61.31 -12.12
C PHE D 41 -23.55 60.72 -11.07
N GLY D 42 -23.06 59.77 -10.27
CA GLY D 42 -23.85 59.18 -9.21
C GLY D 42 -23.27 59.36 -7.82
N ILE D 43 -23.45 58.36 -6.96
CA ILE D 43 -22.88 58.37 -5.62
C ILE D 43 -21.40 58.02 -5.65
N GLY D 44 -21.06 56.98 -6.43
CA GLY D 44 -19.70 56.49 -6.59
C GLY D 44 -19.45 55.35 -5.63
N ALA D 45 -19.14 54.17 -6.19
CA ALA D 45 -18.93 52.97 -5.39
C ALA D 45 -18.41 51.86 -6.28
N ASP D 46 -17.82 50.86 -5.62
CA ASP D 46 -17.46 49.61 -6.28
C ASP D 46 -18.66 48.68 -6.40
N GLY D 47 -19.75 48.94 -5.67
CA GLY D 47 -20.94 48.13 -5.83
C GLY D 47 -22.05 48.60 -4.91
N VAL D 48 -23.20 47.97 -5.09
CA VAL D 48 -24.40 48.19 -4.28
C VAL D 48 -24.68 46.89 -3.55
N ILE D 49 -24.89 46.99 -2.24
CA ILE D 49 -25.17 45.83 -1.41
C ILE D 49 -26.56 46.00 -0.81
N PHE D 50 -27.38 44.96 -0.95
CA PHE D 50 -28.73 44.93 -0.42
C PHE D 50 -28.79 44.08 0.84
N ALA D 51 -29.34 44.67 1.91
CA ALA D 51 -29.69 43.95 3.13
C ALA D 51 -31.11 43.44 2.94
N LEU D 52 -31.23 42.14 2.72
CA LEU D 52 -32.48 41.52 2.32
C LEU D 52 -32.99 40.57 3.39
N PRO D 53 -34.26 40.18 3.33
CA PRO D 53 -34.78 39.22 4.29
C PRO D 53 -34.00 37.91 4.29
N GLY D 54 -33.91 37.30 5.47
CA GLY D 54 -33.31 35.99 5.61
C GLY D 54 -34.03 34.91 4.80
N GLU D 55 -33.29 33.82 4.58
CA GLU D 55 -33.76 32.62 3.88
C GLU D 55 -33.30 31.37 4.62
N ASN D 56 -34.24 30.45 4.87
CA ASN D 56 -33.91 29.10 5.34
C ASN D 56 -33.11 29.11 6.64
N GLY D 57 -33.60 29.83 7.64
CA GLY D 57 -32.83 29.93 8.86
C GLY D 57 -31.47 30.59 8.66
N THR D 58 -31.48 31.72 7.96
CA THR D 58 -30.44 32.72 8.05
C THR D 58 -31.07 34.00 8.58
N ASP D 59 -30.25 34.86 9.14
CA ASP D 59 -30.77 36.08 9.73
C ASP D 59 -31.15 37.11 8.68
N TYR D 60 -30.31 37.23 7.64
CA TYR D 60 -30.50 38.15 6.55
C TYR D 60 -29.89 37.51 5.31
N THR D 61 -30.16 38.12 4.17
CA THR D 61 -29.55 37.77 2.89
C THR D 61 -28.78 38.96 2.34
N MET D 62 -27.66 38.65 1.68
CA MET D 62 -26.89 39.63 0.94
C MET D 62 -26.99 39.36 -0.55
N ARG D 63 -27.34 40.38 -1.32
CA ARG D 63 -27.02 40.42 -2.73
C ARG D 63 -26.21 41.66 -3.04
N ILE D 64 -25.35 41.55 -4.04
CA ILE D 64 -24.44 42.63 -4.38
C ILE D 64 -24.42 42.74 -5.89
N PHE D 65 -24.47 43.98 -6.38
CA PHE D 65 -24.20 44.28 -7.77
C PHE D 65 -22.85 44.98 -7.86
N ASN D 66 -21.97 44.47 -8.73
CA ASN D 66 -20.77 45.21 -9.05
C ASN D 66 -21.11 46.55 -9.70
N SER D 67 -20.11 47.42 -9.78
CA SER D 67 -20.30 48.71 -10.43
C SER D 67 -20.57 48.57 -11.93
N ASP D 68 -20.24 47.42 -12.55
CA ASP D 68 -20.69 47.21 -13.93
C ASP D 68 -22.07 46.59 -14.03
N GLY D 69 -22.75 46.38 -12.91
CA GLY D 69 -24.11 45.88 -12.89
C GLY D 69 -24.20 44.38 -12.79
N SER D 70 -23.09 43.67 -13.00
CA SER D 70 -23.10 42.23 -12.84
C SER D 70 -23.26 41.84 -11.37
N GLU D 71 -23.76 40.63 -11.17
CA GLU D 71 -24.02 40.18 -9.81
C GLU D 71 -23.09 39.02 -9.46
N PRO D 72 -22.08 39.27 -8.64
CA PRO D 72 -21.24 38.19 -8.14
C PRO D 72 -21.89 37.46 -6.99
N GLU D 73 -21.26 36.33 -6.65
CA GLU D 73 -21.82 35.38 -5.71
C GLU D 73 -21.45 35.68 -4.27
N MET D 74 -20.40 36.44 -4.04
CA MET D 74 -19.99 36.79 -2.69
C MET D 74 -19.06 38.00 -2.75
N CYS D 75 -18.83 38.57 -1.58
CA CYS D 75 -17.99 39.73 -1.43
C CYS D 75 -17.60 39.83 0.03
N GLY D 76 -16.32 39.70 0.31
CA GLY D 76 -15.85 39.70 1.68
C GLY D 76 -15.86 41.06 2.35
N ASN D 77 -15.33 42.06 1.66
CA ASN D 77 -15.40 43.42 2.19
C ASN D 77 -16.86 43.83 2.35
N GLY D 78 -17.71 43.41 1.42
CA GLY D 78 -19.12 43.76 1.48
C GLY D 78 -19.83 43.12 2.65
N ILE D 79 -19.52 41.84 2.93
CA ILE D 79 -20.12 41.15 4.09
C ILE D 79 -19.75 41.88 5.38
N ARG D 80 -18.50 42.34 5.51
CA ARG D 80 -18.11 43.10 6.70
C ARG D 80 -18.91 44.40 6.78
N CYS D 81 -19.08 45.09 5.65
CA CYS D 81 -19.84 46.33 5.67
C CYS D 81 -21.30 46.06 6.03
N LEU D 82 -21.85 44.96 5.50
CA LEU D 82 -23.24 44.61 5.76
C LEU D 82 -23.45 44.24 7.22
N ALA D 83 -22.49 43.51 7.80
CA ALA D 83 -22.57 43.17 9.21
C ALA D 83 -22.66 44.42 10.07
N ALA D 84 -21.79 45.40 9.79
CA ALA D 84 -21.84 46.69 10.47
C ALA D 84 -23.17 47.39 10.23
N PHE D 85 -23.64 47.38 8.98
CA PHE D 85 -24.92 48.02 8.63
C PHE D 85 -26.08 47.37 9.37
N LEU D 86 -26.11 46.04 9.41
CA LEU D 86 -27.19 45.35 10.11
C LEU D 86 -27.17 45.69 11.60
N ALA D 87 -25.97 45.72 12.19
CA ALA D 87 -25.88 46.09 13.60
C ALA D 87 -26.40 47.49 13.83
N ASP D 88 -26.14 48.40 12.89
CA ASP D 88 -26.68 49.76 12.99
C ASP D 88 -28.20 49.75 12.86
N LEU D 89 -28.72 48.96 11.92
CA LEU D 89 -30.17 48.91 11.71
C LEU D 89 -30.86 48.33 12.95
N GLU D 90 -30.27 47.29 13.53
CA GLU D 90 -30.87 46.63 14.68
C GLU D 90 -30.71 47.43 15.97
N GLY D 91 -29.66 48.25 16.06
CA GLY D 91 -29.45 49.09 17.23
C GLY D 91 -29.44 48.30 18.52
N LEU D 92 -30.19 48.77 19.52
CA LEU D 92 -30.22 48.07 20.80
C LEU D 92 -31.12 46.84 20.77
N SER D 93 -31.82 46.58 19.67
CA SER D 93 -32.53 45.33 19.52
C SER D 93 -31.60 44.17 19.20
N ARG D 94 -30.36 44.44 18.81
CA ARG D 94 -29.42 43.37 18.52
C ARG D 94 -29.13 42.56 19.78
N ASN D 95 -29.16 41.24 19.65
CA ASN D 95 -29.00 40.34 20.80
C ASN D 95 -27.92 39.27 20.59
N LYS D 96 -26.99 39.51 19.68
CA LYS D 96 -25.93 38.55 19.38
C LYS D 96 -24.82 39.28 18.66
N ASP D 97 -23.67 38.61 18.57
CA ASP D 97 -22.47 39.17 17.94
C ASP D 97 -22.20 38.59 16.56
N THR D 98 -23.07 37.71 16.06
CA THR D 98 -22.86 37.08 14.76
C THR D 98 -24.14 37.14 13.95
N TYR D 99 -24.00 37.11 12.63
CA TYR D 99 -25.13 36.98 11.73
C TYR D 99 -24.87 35.79 10.82
N ARG D 100 -25.90 35.01 10.55
CA ARG D 100 -25.87 34.02 9.49
C ARG D 100 -26.48 34.67 8.26
N ILE D 101 -25.69 34.83 7.21
CA ILE D 101 -26.09 35.59 6.05
C ILE D 101 -26.16 34.68 4.84
N HIS D 102 -27.32 34.63 4.19
CA HIS D 102 -27.46 33.87 2.97
C HIS D 102 -26.86 34.66 1.82
N THR D 103 -26.01 34.01 1.01
CA THR D 103 -25.51 34.58 -0.21
C THR D 103 -25.66 33.58 -1.33
N LEU D 104 -25.44 34.03 -2.57
CA LEU D 104 -25.49 33.12 -3.70
C LEU D 104 -24.48 31.99 -3.54
N ALA D 105 -23.36 32.27 -2.90
CA ALA D 105 -22.34 31.25 -2.71
C ALA D 105 -22.62 30.29 -1.56
N GLY D 106 -23.59 30.57 -0.69
CA GLY D 106 -23.81 29.78 0.51
C GLY D 106 -23.91 30.69 1.72
N VAL D 107 -24.04 30.06 2.89
CA VAL D 107 -24.17 30.82 4.14
C VAL D 107 -22.78 31.32 4.57
N ILE D 108 -22.74 32.58 4.97
CA ILE D 108 -21.55 33.28 5.39
C ILE D 108 -21.84 33.87 6.76
N THR D 109 -20.88 33.75 7.69
CA THR D 109 -21.11 34.12 9.09
C THR D 109 -20.11 35.15 9.58
N PRO D 110 -20.42 36.44 9.47
CA PRO D 110 -19.60 37.47 10.10
C PRO D 110 -19.84 37.52 11.61
N GLN D 111 -18.77 37.86 12.33
CA GLN D 111 -18.79 38.03 13.79
C GLN D 111 -18.25 39.40 14.13
N LEU D 112 -19.04 40.19 14.85
CA LEU D 112 -18.58 41.47 15.34
C LEU D 112 -17.69 41.21 16.53
N THR D 113 -16.47 41.66 16.46
CA THR D 113 -15.54 41.34 17.53
C THR D 113 -15.44 42.49 18.49
N PRO D 114 -14.94 42.24 19.70
CA PRO D 114 -14.95 43.32 20.70
C PRO D 114 -14.12 44.53 20.28
N ASP D 115 -13.04 44.35 19.53
CA ASP D 115 -12.21 45.49 19.15
C ASP D 115 -12.77 46.29 17.97
N GLY D 116 -13.93 45.93 17.45
CA GLY D 116 -14.56 46.65 16.36
C GLY D 116 -14.30 46.09 14.99
N GLN D 117 -13.44 45.07 14.88
CA GLN D 117 -13.24 44.38 13.62
C GLN D 117 -14.38 43.40 13.38
N ILE D 118 -14.40 42.82 12.18
CA ILE D 118 -15.39 41.81 11.84
C ILE D 118 -14.64 40.61 11.30
N LYS D 119 -14.84 39.46 11.92
CA LYS D 119 -14.20 38.21 11.53
C LYS D 119 -15.23 37.34 10.83
N VAL D 120 -14.91 36.87 9.63
CA VAL D 120 -15.91 36.23 8.79
C VAL D 120 -15.50 34.80 8.48
N ASP D 121 -16.44 33.88 8.70
CA ASP D 121 -16.36 32.50 8.21
C ASP D 121 -16.77 32.52 6.74
N MET D 122 -15.77 32.48 5.85
CA MET D 122 -15.97 32.58 4.41
C MET D 122 -16.22 31.24 3.73
N GLY D 123 -16.16 30.15 4.48
CA GLY D 123 -16.46 28.83 3.95
C GLY D 123 -15.23 28.13 3.44
N LEU D 124 -15.47 26.95 2.84
CA LEU D 124 -14.39 26.20 2.23
C LEU D 124 -13.96 26.83 0.91
N PRO D 125 -12.65 26.92 0.66
CA PRO D 125 -12.19 27.32 -0.68
C PRO D 125 -12.52 26.23 -1.68
N ARG D 126 -12.81 26.63 -2.90
CA ARG D 126 -13.14 25.68 -3.95
C ARG D 126 -11.96 25.63 -4.90
N LEU D 127 -11.41 24.44 -5.12
CA LEU D 127 -10.12 24.32 -5.79
C LEU D 127 -10.16 23.65 -7.16
N LEU D 128 -11.28 23.05 -7.55
CA LEU D 128 -11.33 22.35 -8.84
C LEU D 128 -11.67 23.34 -9.95
N ALA D 129 -11.08 23.08 -11.13
CA ALA D 129 -11.25 23.97 -12.28
C ALA D 129 -12.72 24.21 -12.59
N GLY D 130 -13.53 23.16 -12.52
CA GLY D 130 -14.95 23.31 -12.82
C GLY D 130 -15.66 24.21 -11.83
N GLU D 131 -15.08 24.41 -10.65
CA GLU D 131 -15.68 25.23 -9.60
C GLU D 131 -15.28 26.70 -9.68
N ILE D 132 -14.31 27.04 -10.53
CA ILE D 132 -13.78 28.39 -10.59
C ILE D 132 -14.79 29.32 -11.24
N PRO D 133 -15.24 29.09 -12.49
CA PRO D 133 -14.84 28.06 -13.45
C PRO D 133 -13.70 28.52 -14.33
N THR D 134 -12.89 27.57 -14.80
CA THR D 134 -11.85 27.84 -15.76
C THR D 134 -11.60 26.60 -16.60
N ASN D 135 -11.15 26.82 -17.84
CA ASN D 135 -10.82 25.77 -18.78
C ASN D 135 -9.31 25.49 -18.83
N ILE D 136 -8.54 26.04 -17.89
CA ILE D 136 -7.10 25.80 -17.85
C ILE D 136 -6.81 24.33 -17.61
N ALA D 137 -7.63 23.66 -16.84
CA ALA D 137 -7.50 22.25 -16.55
C ALA D 137 -8.83 21.56 -16.70
N ALA D 138 -8.81 20.23 -16.62
CA ALA D 138 -10.06 19.47 -16.60
C ALA D 138 -10.89 19.81 -15.37
N ALA D 139 -12.21 19.64 -15.49
CA ALA D 139 -13.13 20.11 -14.46
C ALA D 139 -12.81 19.57 -13.07
N ASP D 140 -12.30 18.33 -12.98
CA ASP D 140 -12.07 17.69 -11.69
C ASP D 140 -10.62 17.81 -11.22
N GLN D 141 -9.86 18.69 -11.85
CA GLN D 141 -8.46 18.94 -11.50
C GLN D 141 -8.27 20.29 -10.85
N LYS D 142 -7.30 20.37 -9.95
CA LYS D 142 -6.88 21.64 -9.40
C LYS D 142 -6.10 22.44 -10.44
N VAL D 143 -5.91 23.72 -10.16
CA VAL D 143 -5.23 24.65 -11.07
C VAL D 143 -4.14 25.34 -10.26
N ILE D 144 -2.95 24.75 -10.23
CA ILE D 144 -1.86 25.19 -9.35
C ILE D 144 -0.62 25.43 -10.19
N ASN D 145 -0.15 26.67 -10.23
CA ASN D 145 1.05 27.05 -10.99
C ASN D 145 0.94 26.59 -12.44
N GLN D 146 -0.17 26.90 -13.04
CA GLN D 146 -0.44 26.54 -14.43
C GLN D 146 -0.23 27.70 -15.39
N PRO D 147 0.03 27.40 -16.67
CA PRO D 147 0.33 28.48 -17.62
C PRO D 147 -0.92 29.19 -18.11
N LEU D 148 -0.80 30.50 -18.22
CA LEU D 148 -1.85 31.30 -18.85
C LEU D 148 -1.17 32.35 -19.72
N GLU D 149 -1.38 32.25 -21.04
CA GLU D 149 -0.82 33.18 -21.99
C GLU D 149 -1.72 34.41 -22.09
N VAL D 150 -1.16 35.57 -21.74
CA VAL D 150 -1.90 36.82 -21.70
C VAL D 150 -1.12 37.83 -22.51
N GLU D 151 -1.61 38.14 -23.71
CA GLU D 151 -0.94 39.08 -24.59
C GLU D 151 0.48 38.60 -24.91
N GLY D 152 0.58 37.31 -25.22
CA GLY D 152 1.87 36.75 -25.62
C GLY D 152 2.93 36.63 -24.56
N LYS D 153 2.61 36.93 -23.29
CA LYS D 153 3.46 36.59 -22.16
C LYS D 153 2.78 35.47 -21.36
N THR D 154 3.54 34.45 -20.98
CA THR D 154 3.01 33.31 -20.25
C THR D 154 3.14 33.54 -18.75
N TRP D 155 2.01 33.62 -18.06
CA TRP D 155 2.00 33.79 -16.63
C TRP D 155 1.76 32.46 -15.94
N GLU D 156 2.37 32.28 -14.78
CA GLU D 156 2.09 31.15 -13.91
C GLU D 156 0.95 31.56 -12.97
N VAL D 157 -0.14 30.81 -13.00
CA VAL D 157 -1.34 31.19 -12.27
C VAL D 157 -1.86 30.01 -11.45
N THR D 158 -2.57 30.35 -10.37
CA THR D 158 -3.28 29.41 -9.52
C THR D 158 -4.71 29.94 -9.41
N CYS D 159 -5.70 29.05 -9.50
CA CYS D 159 -7.09 29.49 -9.44
C CYS D 159 -7.79 28.91 -8.23
N VAL D 160 -8.60 29.74 -7.57
CA VAL D 160 -9.33 29.40 -6.38
C VAL D 160 -10.65 30.15 -6.44
N SER D 161 -11.73 29.50 -6.03
CA SER D 161 -13.02 30.14 -5.90
C SER D 161 -13.40 30.26 -4.43
N MET D 162 -13.87 31.43 -4.04
CA MET D 162 -14.48 31.68 -2.74
C MET D 162 -15.97 31.88 -2.91
N GLY D 163 -16.56 31.18 -3.85
CA GLY D 163 -17.87 31.48 -4.34
C GLY D 163 -17.85 32.31 -5.61
N ASN D 164 -16.75 33.04 -5.84
CA ASN D 164 -16.46 33.78 -7.04
C ASN D 164 -15.07 33.40 -7.52
N PRO D 165 -14.78 33.63 -8.81
CA PRO D 165 -13.50 33.17 -9.39
C PRO D 165 -12.32 34.08 -9.10
N HIS D 166 -11.16 33.46 -8.80
CA HIS D 166 -9.91 34.18 -8.63
C HIS D 166 -8.79 33.48 -9.38
N CYS D 167 -7.95 34.33 -9.95
CA CYS D 167 -6.75 33.94 -10.70
C CYS D 167 -5.59 34.66 -10.07
N ILE D 168 -4.68 33.91 -9.46
CA ILE D 168 -3.63 34.47 -8.62
C ILE D 168 -2.28 34.19 -9.26
N THR D 169 -1.45 35.22 -9.37
CA THR D 169 -0.10 35.08 -9.90
C THR D 169 0.88 35.76 -8.95
N PHE D 170 2.03 35.12 -8.76
CA PHE D 170 3.01 35.59 -7.80
C PHE D 170 4.12 36.33 -8.52
N VAL D 171 4.44 37.52 -8.02
CA VAL D 171 5.35 38.45 -8.69
C VAL D 171 6.41 38.99 -7.73
N GLU D 172 7.52 39.46 -8.32
CA GLU D 172 8.60 40.02 -7.52
C GLU D 172 8.30 41.40 -6.97
N ASP D 173 7.58 42.23 -7.73
CA ASP D 173 7.39 43.65 -7.43
C ASP D 173 5.95 44.02 -7.81
N VAL D 174 5.03 43.88 -6.86
CA VAL D 174 3.62 44.06 -7.23
C VAL D 174 3.33 45.52 -7.57
N ALA D 175 4.06 46.47 -6.98
CA ALA D 175 3.83 47.87 -7.29
C ALA D 175 4.14 48.18 -8.75
N ALA D 176 5.00 47.38 -9.37
CA ALA D 176 5.43 47.60 -10.75
C ALA D 176 4.50 46.97 -11.77
N ILE D 177 3.49 46.23 -11.33
CA ILE D 177 2.56 45.61 -12.29
C ILE D 177 1.76 46.70 -12.99
N PRO D 178 1.72 46.72 -14.34
CA PRO D 178 0.90 47.71 -15.09
C PRO D 178 -0.57 47.27 -15.10
N LEU D 179 -1.20 47.49 -13.95
CA LEU D 179 -2.46 46.83 -13.65
C LEU D 179 -3.60 47.30 -14.55
N GLU D 180 -3.60 48.59 -14.90
CA GLU D 180 -4.64 49.18 -15.74
C GLU D 180 -4.66 48.54 -17.12
N THR D 181 -3.51 48.12 -17.60
CA THR D 181 -3.32 47.51 -18.91
C THR D 181 -3.57 46.01 -18.87
N ILE D 182 -2.91 45.28 -17.98
CA ILE D 182 -2.96 43.83 -18.03
C ILE D 182 -4.20 43.27 -17.31
N GLY D 183 -4.75 43.99 -16.33
CA GLY D 183 -5.88 43.50 -15.58
C GLY D 183 -7.04 43.02 -16.44
N PRO D 184 -7.55 43.90 -17.31
CA PRO D 184 -8.68 43.51 -18.19
C PRO D 184 -8.38 42.32 -19.08
N LYS D 185 -7.12 42.14 -19.43
CA LYS D 185 -6.76 41.03 -20.30
C LYS D 185 -6.86 39.71 -19.55
N PHE D 186 -6.60 39.71 -18.24
CA PHE D 186 -6.90 38.55 -17.40
C PHE D 186 -8.39 38.38 -17.22
N GLU D 187 -9.09 39.46 -16.87
CA GLU D 187 -10.50 39.40 -16.49
C GLU D 187 -11.31 38.72 -17.57
N HIS D 188 -11.05 39.07 -18.83
CA HIS D 188 -11.84 38.63 -19.97
C HIS D 188 -11.14 37.54 -20.75
N HIS D 189 -10.13 36.92 -20.18
CA HIS D 189 -9.42 35.87 -20.88
C HIS D 189 -10.37 34.72 -21.23
N PRO D 190 -10.27 34.16 -22.43
CA PRO D 190 -11.17 33.05 -22.82
C PRO D 190 -11.14 31.88 -21.88
N ALA D 191 -10.04 31.70 -21.11
CA ALA D 191 -9.93 30.60 -20.16
C ALA D 191 -10.94 30.68 -19.03
N PHE D 192 -11.62 31.82 -18.89
CA PHE D 192 -12.54 32.06 -17.78
C PHE D 192 -13.95 32.33 -18.30
N PRO D 193 -14.79 31.30 -18.36
CA PRO D 193 -16.12 31.48 -18.99
C PRO D 193 -17.00 32.51 -18.31
N GLN D 194 -16.83 32.74 -17.01
CA GLN D 194 -17.61 33.73 -16.29
C GLN D 194 -16.76 34.92 -15.86
N ARG D 195 -15.66 35.16 -16.57
CA ARG D 195 -14.63 36.14 -16.22
C ARG D 195 -13.96 35.72 -14.91
N THR D 196 -13.00 36.50 -14.46
CA THR D 196 -12.32 36.21 -13.21
C THR D 196 -11.89 37.51 -12.55
N ASN D 197 -11.74 37.45 -11.22
CA ASN D 197 -10.91 38.41 -10.49
C ASN D 197 -9.44 37.97 -10.59
N THR D 198 -8.53 38.95 -10.62
CA THR D 198 -7.12 38.67 -10.78
C THR D 198 -6.30 39.36 -9.71
N GLU D 199 -5.50 38.57 -9.01
CA GLU D 199 -4.68 39.04 -7.91
C GLU D 199 -3.23 38.83 -8.25
N PHE D 200 -2.46 39.89 -8.08
CA PHE D 200 -1.01 39.88 -8.19
C PHE D 200 -0.45 39.94 -6.79
N ILE D 201 0.36 38.94 -6.44
CA ILE D 201 0.83 38.73 -5.06
C ILE D 201 2.34 38.78 -5.00
N GLN D 202 2.84 39.65 -4.11
CA GLN D 202 4.23 39.70 -3.72
C GLN D 202 4.39 39.09 -2.32
N VAL D 203 5.11 37.98 -2.24
CA VAL D 203 5.34 37.32 -0.96
C VAL D 203 6.47 38.06 -0.26
N VAL D 204 6.13 38.72 0.86
CA VAL D 204 7.14 39.39 1.68
C VAL D 204 7.76 38.39 2.66
N SER D 205 6.93 37.55 3.26
CA SER D 205 7.35 36.48 4.16
C SER D 205 6.25 35.44 4.14
N ARG D 206 6.49 34.35 4.86
CA ARG D 206 5.52 33.26 4.87
C ARG D 206 4.23 33.63 5.60
N ASP D 207 4.20 34.77 6.28
CA ASP D 207 2.96 35.22 6.90
C ASP D 207 2.59 36.63 6.46
N TYR D 208 3.10 37.10 5.32
CA TYR D 208 2.81 38.46 4.89
C TYR D 208 2.84 38.53 3.38
N LEU D 209 1.68 38.80 2.79
CA LEU D 209 1.50 38.93 1.36
C LEU D 209 1.05 40.33 1.02
N LYS D 210 1.61 40.88 -0.06
CA LYS D 210 1.16 42.14 -0.63
C LYS D 210 0.35 41.84 -1.89
N MET D 211 -0.84 42.40 -1.98
CA MET D 211 -1.77 42.09 -3.07
C MET D 211 -2.23 43.36 -3.79
N ARG D 212 -2.31 43.26 -5.11
CA ARG D 212 -3.06 44.21 -5.93
C ARG D 212 -4.07 43.39 -6.73
N VAL D 213 -5.23 44.00 -7.05
CA VAL D 213 -6.29 43.24 -7.68
C VAL D 213 -6.92 44.05 -8.81
N TRP D 214 -7.22 43.35 -9.90
CA TRP D 214 -8.12 43.84 -10.94
C TRP D 214 -9.36 43.00 -10.80
N GLU D 215 -10.45 43.61 -10.33
CA GLU D 215 -11.67 42.85 -10.09
C GLU D 215 -12.55 42.70 -11.32
N ARG D 216 -13.12 41.52 -11.44
CA ARG D 216 -14.26 41.32 -12.31
C ARG D 216 -15.32 42.37 -12.00
N GLY D 217 -15.77 43.07 -13.04
CA GLY D 217 -16.88 44.00 -12.87
C GLY D 217 -16.63 45.27 -12.09
N ALA D 218 -15.43 45.47 -11.50
CA ALA D 218 -15.15 46.69 -10.76
C ALA D 218 -13.79 47.31 -11.06
N GLY D 219 -12.89 46.58 -11.70
CA GLY D 219 -11.61 47.16 -12.07
C GLY D 219 -10.64 47.24 -10.91
N ILE D 220 -9.82 48.31 -10.91
CA ILE D 220 -8.86 48.46 -9.81
C ILE D 220 -9.61 48.92 -8.56
N THR D 221 -9.54 48.12 -7.51
CA THR D 221 -10.05 48.45 -6.20
C THR D 221 -8.91 48.44 -5.18
N LEU D 222 -9.20 49.07 -4.03
CA LEU D 222 -8.20 49.21 -2.98
C LEU D 222 -8.12 47.99 -2.07
N ALA D 223 -9.06 47.06 -2.19
CA ALA D 223 -9.09 45.89 -1.32
C ALA D 223 -10.09 44.90 -1.89
N CYS D 224 -9.84 43.62 -1.65
CA CYS D 224 -10.83 42.60 -1.97
C CYS D 224 -10.67 41.43 -1.02
N GLY D 225 -11.73 41.20 -0.24
CA GLY D 225 -11.68 40.17 0.79
C GLY D 225 -11.70 38.76 0.24
N THR D 226 -12.62 38.48 -0.71
CA THR D 226 -12.57 37.16 -1.34
C THR D 226 -11.22 36.97 -2.04
N GLY D 227 -10.68 38.03 -2.65
CA GLY D 227 -9.41 37.89 -3.35
C GLY D 227 -8.24 37.65 -2.41
N ALA D 228 -8.27 38.30 -1.24
CA ALA D 228 -7.23 38.04 -0.26
C ALA D 228 -7.30 36.60 0.26
N CYS D 229 -8.51 36.11 0.50
CA CYS D 229 -8.70 34.72 0.89
C CYS D 229 -8.15 33.78 -0.16
N ALA D 230 -8.54 34.01 -1.42
CA ALA D 230 -8.11 33.12 -2.49
C ALA D 230 -6.61 33.16 -2.65
N SER D 231 -6.01 34.34 -2.46
CA SER D 231 -4.57 34.50 -2.62
C SER D 231 -3.81 33.76 -1.53
N LEU D 232 -4.32 33.81 -0.31
CA LEU D 232 -3.72 33.06 0.77
C LEU D 232 -3.80 31.56 0.48
N VAL D 233 -4.96 31.08 0.04
CA VAL D 233 -5.10 29.68 -0.31
C VAL D 233 -4.09 29.30 -1.40
N ALA D 234 -3.97 30.15 -2.44
CA ALA D 234 -3.02 29.92 -3.52
C ALA D 234 -1.61 29.87 -3.00
N ALA D 235 -1.28 30.75 -2.04
CA ALA D 235 0.07 30.78 -1.50
C ALA D 235 0.37 29.51 -0.70
N VAL D 236 -0.63 28.95 -0.01
CA VAL D 236 -0.45 27.69 0.69
C VAL D 236 -0.33 26.56 -0.31
N LEU D 237 -1.22 26.52 -1.31
CA LEU D 237 -1.22 25.43 -2.29
C LEU D 237 0.11 25.34 -3.01
N THR D 238 0.79 26.47 -3.21
CA THR D 238 2.04 26.50 -3.93
C THR D 238 3.25 26.49 -2.99
N GLY D 239 3.02 26.30 -1.69
CA GLY D 239 4.10 26.20 -0.72
C GLY D 239 4.79 27.50 -0.37
N ARG D 240 4.22 28.65 -0.75
CA ARG D 240 4.87 29.92 -0.58
C ARG D 240 4.58 30.59 0.75
N SER D 241 3.48 30.22 1.40
CA SER D 241 3.10 30.85 2.65
C SER D 241 2.49 29.85 3.61
N ASP D 242 2.47 30.25 4.88
CA ASP D 242 1.73 29.55 5.93
C ASP D 242 0.22 29.82 5.78
N ARG D 243 -0.57 29.09 6.56
CA ARG D 243 -2.02 29.23 6.49
C ARG D 243 -2.55 30.41 7.27
N LEU D 244 -1.71 31.14 7.97
CA LEU D 244 -2.09 32.36 8.67
C LEU D 244 -1.18 33.47 8.16
N ALA D 245 -1.77 34.52 7.60
CA ALA D 245 -1.00 35.60 7.02
C ALA D 245 -1.78 36.89 7.04
N THR D 246 -1.04 38.00 7.12
CA THR D 246 -1.57 39.31 6.78
C THR D 246 -1.55 39.47 5.27
N VAL D 247 -2.65 39.94 4.69
CA VAL D 247 -2.64 40.34 3.29
C VAL D 247 -2.77 41.85 3.28
N GLU D 248 -1.68 42.50 2.86
CA GLU D 248 -1.62 43.94 2.71
C GLU D 248 -2.20 44.35 1.38
N LEU D 249 -3.26 45.11 1.42
CA LEU D 249 -3.89 45.67 0.25
C LEU D 249 -3.64 47.17 0.18
N PRO D 250 -3.86 47.78 -0.97
CA PRO D 250 -3.66 49.23 -1.08
C PRO D 250 -4.39 49.99 0.01
N GLY D 251 -5.60 49.57 0.37
CA GLY D 251 -6.37 50.20 1.41
C GLY D 251 -6.05 49.80 2.84
N GLY D 252 -5.17 48.82 3.04
CA GLY D 252 -4.87 48.34 4.36
C GLY D 252 -4.84 46.83 4.48
N PRO D 253 -4.65 46.34 5.70
CA PRO D 253 -4.45 44.89 5.88
C PRO D 253 -5.71 44.12 6.25
N LEU D 254 -5.79 42.88 5.74
CA LEU D 254 -6.70 41.87 6.22
C LEU D 254 -5.91 40.73 6.84
N GLU D 255 -6.49 40.09 7.86
CA GLU D 255 -5.92 38.90 8.47
C GLU D 255 -6.67 37.68 7.94
N ILE D 256 -5.93 36.76 7.30
CA ILE D 256 -6.53 35.60 6.66
C ILE D 256 -6.02 34.34 7.32
N GLU D 257 -6.94 33.41 7.60
CA GLU D 257 -6.59 32.13 8.19
C GLU D 257 -7.28 31.01 7.43
N TRP D 258 -6.49 30.08 6.89
CA TRP D 258 -7.02 28.80 6.40
C TRP D 258 -6.98 27.85 7.58
N SER D 259 -8.12 27.65 8.24
CA SER D 259 -8.15 26.93 9.50
C SER D 259 -7.80 25.46 9.32
N GLU D 260 -6.89 24.96 10.16
CA GLU D 260 -6.64 23.52 10.17
C GLU D 260 -7.72 22.76 10.93
N VAL D 261 -8.53 23.45 11.73
CA VAL D 261 -9.61 22.80 12.46
C VAL D 261 -10.70 22.33 11.50
N ASP D 262 -11.18 23.24 10.65
CA ASP D 262 -12.32 22.94 9.80
C ASP D 262 -12.07 23.20 8.32
N GLN D 263 -10.85 23.58 7.94
CA GLN D 263 -10.45 23.79 6.56
C GLN D 263 -11.19 24.93 5.89
N ARG D 264 -11.90 25.75 6.66
CA ARG D 264 -12.58 26.93 6.14
C ARG D 264 -11.64 28.13 6.21
N ILE D 265 -11.98 29.16 5.43
CA ILE D 265 -11.21 30.40 5.43
C ILE D 265 -11.89 31.41 6.34
N TYR D 266 -11.10 32.01 7.23
CA TYR D 266 -11.54 33.10 8.09
C TYR D 266 -10.82 34.39 7.70
N MET D 267 -11.59 35.47 7.58
CA MET D 267 -11.12 36.77 7.12
C MET D 267 -11.52 37.84 8.13
N THR D 268 -10.54 38.53 8.69
CA THR D 268 -10.81 39.58 9.68
C THR D 268 -10.37 40.93 9.14
N GLY D 269 -11.25 41.92 9.25
CA GLY D 269 -10.93 43.26 8.84
C GLY D 269 -11.94 44.28 9.30
N PRO D 270 -11.71 45.55 8.95
CA PRO D 270 -12.58 46.62 9.41
C PRO D 270 -13.75 46.89 8.47
N ALA D 271 -14.68 47.72 8.96
CA ALA D 271 -15.74 48.23 8.10
C ALA D 271 -16.09 49.62 8.63
N ASP D 272 -16.12 50.61 7.75
CA ASP D 272 -16.30 51.99 8.15
C ASP D 272 -17.54 52.59 7.49
N ARG D 273 -18.39 53.18 8.32
CA ARG D 273 -19.54 53.95 7.85
C ARG D 273 -19.08 55.37 7.51
N VAL D 274 -19.38 55.82 6.30
CA VAL D 274 -18.87 57.10 5.85
C VAL D 274 -19.91 58.20 5.92
N PHE D 275 -21.08 57.97 5.35
CA PHE D 275 -22.13 58.99 5.34
C PHE D 275 -23.43 58.32 4.97
N THR D 276 -24.53 58.98 5.30
CA THR D 276 -25.87 58.57 4.90
C THR D 276 -26.40 59.57 3.88
N GLY D 277 -27.21 59.07 2.97
CA GLY D 277 -27.64 59.90 1.87
C GLY D 277 -28.99 59.52 1.33
N LYS D 278 -29.50 60.39 0.47
CA LYS D 278 -30.76 60.17 -0.22
C LYS D 278 -30.65 60.72 -1.63
N LEU D 279 -30.92 59.89 -2.61
CA LEU D 279 -30.89 60.32 -4.00
C LEU D 279 -31.93 61.41 -4.25
N HIS D 280 -31.58 62.36 -5.12
CA HIS D 280 -32.51 63.43 -5.45
C HIS D 280 -33.70 62.93 -6.28
CAN ZDR E . 5.27 -17.52 -15.19
CAT ZDR E . 6.40 -18.40 -15.73
NAC ZDR E . 7.67 -17.69 -15.91
CAQ ZDR E . 5.84 -18.82 -17.09
OAF ZDR E . 5.99 -18.03 -18.06
OAH ZDR E . 5.22 -19.91 -17.23
CAM ZDR E . 6.58 -19.63 -14.85
CAJ ZDR E . 7.77 -19.39 -13.91
CAK ZDR E . 7.76 -20.48 -12.82
CAS ZDR E . 6.84 -20.06 -11.66
NAB ZDR E . 7.40 -18.88 -11.00
CAP ZDR E . 6.75 -21.19 -10.64
OAE ZDR E . 6.04 -22.20 -10.89
OAG ZDR E . 7.40 -21.13 -9.56
HAN1 ZDR E . 5.58 -16.48 -15.31
HAN2 ZDR E . 5.07 -17.73 -14.14
HAC1 ZDR E . 7.50 -16.71 -16.03
HAC2 ZDR E . 8.16 -18.03 -16.71
HAM1 ZDR E . 6.78 -20.49 -15.47
HAM2 ZDR E . 5.68 -19.79 -14.27
HAJ1 ZDR E . 8.70 -19.45 -14.46
HAJ2 ZDR E . 7.68 -18.41 -13.44
HAK1 ZDR E . 8.77 -20.62 -12.45
HAK2 ZDR E . 7.40 -21.41 -13.24
HAS ZDR E . 5.86 -19.84 -12.05
HAB1 ZDR E . 8.24 -19.13 -10.53
HAB2 ZDR E . 6.74 -18.51 -10.33
CAN ZDR F . -13.31 -34.91 25.81
CAT ZDR F . -13.79 -33.60 26.41
NAC ZDR F . -14.54 -34.21 27.49
CAQ ZDR F . -14.69 -32.77 25.49
OAF ZDR F . -14.39 -31.59 25.14
OAH ZDR F . -15.76 -33.31 25.15
CAM ZDR F . -12.65 -32.71 26.94
CAJ ZDR F . -12.11 -33.33 28.21
CAK ZDR F . -10.90 -32.55 28.75
CAS ZDR F . -9.61 -33.07 28.10
NAB ZDR F . -9.38 -34.45 28.52
CAP ZDR F . -8.46 -32.21 28.58
OAE ZDR F . -8.31 -31.06 28.08
OAG ZDR F . -7.70 -32.67 29.47
HAN1 ZDR F . -13.47 -35.71 26.52
HAN2 ZDR F . -13.87 -35.11 24.90
HAN3 ZDR F . -12.26 -34.83 25.57
HAC1 ZDR F . -14.57 -33.59 28.27
HAC2 ZDR F . -15.47 -34.40 27.17
HAM1 ZDR F . -11.85 -32.65 26.20
HAM2 ZDR F . -13.02 -31.71 27.14
HAJ1 ZDR F . -12.91 -33.32 28.97
HAJ2 ZDR F . -11.83 -34.36 28.02
HAK1 ZDR F . -10.83 -32.69 29.82
HAK2 ZDR F . -11.02 -31.50 28.51
HAS ZDR F . -9.69 -33.04 27.01
HAB1 ZDR F . -9.23 -34.47 29.52
HAB2 ZDR F . -8.57 -34.81 28.05
CAN ZDR G . 21.11 9.04 -6.65
CAT ZDR G . 22.15 9.90 -7.33
NAC ZDR G . 22.46 8.93 -8.37
CAQ ZDR G . 23.37 10.17 -6.42
OAF ZDR G . 23.74 11.33 -6.08
OAH ZDR G . 23.99 9.17 -6.04
CAM ZDR G . 21.60 11.21 -7.89
CAJ ZDR G . 20.85 10.94 -9.18
CAK ZDR G . 20.20 12.25 -9.69
CAS ZDR G . 18.83 12.47 -9.03
NAB ZDR G . 17.90 11.41 -9.39
CAP ZDR G . 18.32 13.81 -9.54
OAE ZDR G . 18.82 14.88 -9.08
OAG ZDR G . 17.45 13.83 -10.45
HAN1 ZDR G . 20.22 9.63 -6.45
HAN2 ZDR G . 20.85 8.20 -7.30
HAN3 ZDR G . 21.51 8.66 -5.71
HAC1 ZDR G . 22.76 9.39 -9.20
HAC2 ZDR G . 23.17 8.30 -8.05
HAM1 ZDR G . 22.41 11.90 -8.08
HAM2 ZDR G . 20.91 11.65 -7.16
HAJ1 ZDR G . 20.06 10.21 -9.01
HAJ2 ZDR G . 21.53 10.56 -9.93
HAK1 ZDR G . 20.86 13.08 -9.45
HAK2 ZDR G . 20.07 12.19 -10.77
HAS ZDR G . 18.93 12.47 -7.95
HAB1 ZDR G . 17.82 11.37 -10.39
HAB2 ZDR G . 17.01 11.59 -8.99
CAN ZDR H . -13.42 42.08 -3.94
CAT ZDR H . -14.84 41.97 -3.37
NAC ZDR H . -15.52 43.27 -3.22
CAQ ZDR H . -14.59 41.33 -1.99
OAF ZDR H . -14.62 40.06 -1.84
OAH ZDR H . -14.30 42.08 -1.02
CAM ZDR H . -15.69 41.03 -4.21
CAJ ZDR H . -16.57 41.82 -5.18
CAK ZDR H . -17.09 40.85 -6.25
CAS ZDR H . -16.11 40.67 -7.39
NAB ZDR H . -15.94 41.94 -8.09
CAP ZDR H . -16.63 39.61 -8.37
OAE ZDR H . -16.56 38.37 -8.08
OAG ZDR H . -17.13 39.98 -9.44
HAN1 ZDR H . -13.43 41.88 -5.01
HAN2 ZDR H . -13.09 43.10 -3.75
HAC1 ZDR H . -14.89 43.95 -2.85
HAC2 ZDR H . -16.33 43.18 -2.63
HAM1 ZDR H . -16.33 40.43 -3.55
HAM2 ZDR H . -15.04 40.37 -4.78
HAJ1 ZDR H . -15.99 42.60 -5.65
HAJ2 ZDR H . -17.40 42.26 -4.63
HAK1 ZDR H . -17.28 39.89 -5.78
HAK2 ZDR H . -18.03 41.24 -6.64
HAS ZDR H . -15.16 40.34 -7.00
HAB1 ZDR H . -16.73 42.10 -8.68
HAB2 ZDR H . -15.11 41.91 -8.66
#